data_1GDH
#
_entry.id   1GDH
#
_cell.length_a   60.410
_cell.length_b   60.530
_cell.length_c   66.290
_cell.angle_alpha   102.30
_cell.angle_beta   113.73
_cell.angle_gamma   102.73
#
_symmetry.space_group_name_H-M   'P 1'
#
loop_
_entity.id
_entity.type
_entity.pdbx_description
1 polymer 'D-GLYCERATE DEHYDROGENASE'
2 non-polymer 'SULFATE ION'
3 water water
#
_entity_poly.entity_id   1
_entity_poly.type   'polypeptide(L)'
_entity_poly.pdbx_seq_one_letter_code
;KKKILITWPLPEAAMARARESYDVIAHGDDPKITIDEMIETAKSVDALLITLNEKCRKEVIDRIPENIKCISTYSIGFDH
IDLDACKARGIKVGNAPHGVTVATAEIAMLLLLGSARRAGEGEKMIRTRSWPGWEPLELVGEKLDNKTLGIYGFGSIGQA
LAKRAQGFDMDIDYFDTHRASSSDEASYQATFHDSLDSLLSVSQFFSLNAPSTPETRYFFNKATIKSLPQGAIVVNTARG
DLVDNELVVAALEAGRLAYAGFDVFAGEPNINEGYYDLPNTFLFPHIGSAATQAREDMAHQANDLIDALFGGADMSYALA
;
_entity_poly.pdbx_strand_id   A,B
#
loop_
_chem_comp.id
_chem_comp.type
_chem_comp.name
_chem_comp.formula
SO4 non-polymer 'SULFATE ION' 'O4 S -2'
#
# COMPACT_ATOMS: atom_id res chain seq x y z
N LYS A 1 -26.18 36.60 -12.92
CA LYS A 1 -25.26 35.48 -12.79
C LYS A 1 -23.83 35.92 -13.10
N LYS A 2 -22.99 35.94 -12.07
CA LYS A 2 -21.63 36.39 -12.22
C LYS A 2 -20.90 35.37 -13.06
N LYS A 3 -19.82 35.78 -13.68
CA LYS A 3 -19.09 34.86 -14.53
C LYS A 3 -17.77 34.56 -13.86
N ILE A 4 -17.31 33.32 -13.97
CA ILE A 4 -16.00 32.95 -13.47
C ILE A 4 -15.30 32.06 -14.49
N LEU A 5 -13.99 32.22 -14.58
CA LEU A 5 -13.13 31.33 -15.34
C LEU A 5 -12.53 30.29 -14.37
N ILE A 6 -12.71 29.01 -14.71
CA ILE A 6 -12.11 27.86 -13.99
C ILE A 6 -11.01 27.28 -14.89
N THR A 7 -9.76 27.35 -14.45
CA THR A 7 -8.62 27.14 -15.37
C THR A 7 -8.40 25.70 -15.80
N TRP A 8 -8.87 24.79 -14.96
CA TRP A 8 -8.71 23.34 -15.15
C TRP A 8 -10.04 22.71 -14.80
N PRO A 9 -10.34 21.56 -15.38
CA PRO A 9 -11.47 20.73 -14.94
C PRO A 9 -11.25 20.17 -13.55
N LEU A 10 -12.22 20.42 -12.67
CA LEU A 10 -12.23 19.92 -11.31
C LEU A 10 -13.21 18.72 -11.21
N PRO A 11 -13.25 18.05 -10.03
CA PRO A 11 -14.22 16.98 -9.81
C PRO A 11 -15.64 17.43 -10.07
N GLU A 12 -16.43 16.50 -10.58
CA GLU A 12 -17.77 16.80 -11.04
C GLU A 12 -18.66 17.51 -10.01
N ALA A 13 -18.52 17.20 -8.73
CA ALA A 13 -19.37 17.85 -7.72
C ALA A 13 -19.00 19.32 -7.53
N ALA A 14 -17.74 19.63 -7.76
CA ALA A 14 -17.27 20.99 -7.72
C ALA A 14 -17.82 21.71 -8.93
N MET A 15 -17.52 21.21 -10.12
CA MET A 15 -17.98 21.84 -11.36
C MET A 15 -19.48 22.11 -11.34
N ALA A 16 -20.25 21.22 -10.71
CA ALA A 16 -21.69 21.30 -10.75
C ALA A 16 -22.25 22.39 -9.84
N ARG A 17 -21.61 22.58 -8.68
CA ARG A 17 -21.96 23.69 -7.80
C ARG A 17 -21.65 25.00 -8.53
N ALA A 18 -20.46 25.05 -9.12
CA ALA A 18 -20.01 26.22 -9.86
C ALA A 18 -21.02 26.59 -10.92
N ARG A 19 -21.48 25.61 -11.68
CA ARG A 19 -22.42 25.89 -12.75
C ARG A 19 -23.85 26.16 -12.28
N GLU A 20 -24.12 25.89 -11.00
CA GLU A 20 -25.42 26.23 -10.42
C GLU A 20 -25.39 27.58 -9.73
N SER A 21 -24.33 28.35 -9.94
CA SER A 21 -24.18 29.62 -9.25
C SER A 21 -23.63 30.70 -10.16
N TYR A 22 -22.98 30.28 -11.23
CA TYR A 22 -22.24 31.20 -12.07
C TYR A 22 -22.35 30.75 -13.49
N ASP A 23 -21.97 31.64 -14.39
CA ASP A 23 -21.80 31.29 -15.78
C ASP A 23 -20.34 30.93 -15.92
N VAL A 24 -20.09 29.63 -15.95
CA VAL A 24 -18.72 29.14 -15.89
C VAL A 24 -18.12 29.02 -17.27
N ILE A 25 -16.92 29.54 -17.44
CA ILE A 25 -16.08 29.17 -18.56
C ILE A 25 -15.07 28.18 -18.03
N ALA A 26 -15.38 26.90 -18.25
CA ALA A 26 -14.51 25.81 -17.86
C ALA A 26 -13.50 25.53 -18.97
N HIS A 27 -12.23 25.64 -18.66
CA HIS A 27 -11.21 25.23 -19.60
C HIS A 27 -10.81 23.77 -19.41
N GLY A 28 -10.51 23.11 -20.51
CA GLY A 28 -10.02 21.75 -20.44
C GLY A 28 -8.56 21.77 -20.08
N ASP A 29 -7.89 20.65 -20.30
CA ASP A 29 -6.51 20.51 -19.88
C ASP A 29 -5.66 19.94 -21.01
N ASP A 30 -6.29 19.27 -21.96
CA ASP A 30 -5.52 18.75 -23.11
C ASP A 30 -4.39 19.76 -23.29
N PRO A 31 -4.66 20.92 -23.90
CA PRO A 31 -3.75 22.02 -23.99
C PRO A 31 -4.17 23.02 -22.93
N LYS A 32 -3.66 22.79 -21.74
CA LYS A 32 -3.98 23.58 -20.54
C LYS A 32 -4.01 25.08 -20.83
N ILE A 33 -4.65 25.83 -19.94
CA ILE A 33 -4.69 27.27 -20.07
C ILE A 33 -3.26 27.80 -20.07
N THR A 34 -2.94 28.59 -21.09
CA THR A 34 -1.72 29.39 -21.08
C THR A 34 -2.10 30.68 -20.36
N ILE A 35 -1.14 31.32 -19.69
CA ILE A 35 -1.45 32.51 -18.91
C ILE A 35 -2.13 33.56 -19.79
N ASP A 36 -1.61 33.70 -21.00
CA ASP A 36 -2.18 34.64 -21.95
C ASP A 36 -3.63 34.35 -22.29
N GLU A 37 -4.00 33.07 -22.33
CA GLU A 37 -5.41 32.67 -22.47
C GLU A 37 -6.21 33.17 -21.27
N MET A 38 -5.58 33.11 -20.11
CA MET A 38 -6.25 33.45 -18.88
C MET A 38 -6.45 34.95 -18.84
N ILE A 39 -5.40 35.68 -19.18
CA ILE A 39 -5.37 37.14 -19.26
C ILE A 39 -6.44 37.64 -20.24
N GLU A 40 -6.44 37.07 -21.44
CA GLU A 40 -7.52 37.28 -22.38
C GLU A 40 -8.87 36.97 -21.74
N THR A 41 -9.14 35.68 -21.52
CA THR A 41 -10.47 35.25 -21.10
C THR A 41 -10.94 36.03 -19.88
N ALA A 42 -9.98 36.50 -19.09
CA ALA A 42 -10.26 37.21 -17.85
C ALA A 42 -11.19 38.41 -18.06
N LYS A 43 -11.12 39.01 -19.24
CA LYS A 43 -11.88 40.20 -19.58
C LYS A 43 -13.40 40.00 -19.67
N SER A 44 -13.86 38.77 -19.95
CA SER A 44 -15.30 38.52 -20.06
C SER A 44 -15.87 37.96 -18.77
N VAL A 45 -14.99 37.73 -17.80
CA VAL A 45 -15.35 37.02 -16.57
C VAL A 45 -15.17 37.96 -15.39
N ASP A 46 -15.87 37.71 -14.29
CA ASP A 46 -15.77 38.55 -13.13
C ASP A 46 -14.70 38.06 -12.15
N ALA A 47 -14.35 36.78 -12.24
CA ALA A 47 -13.54 36.13 -11.22
C ALA A 47 -12.77 34.93 -11.76
N LEU A 48 -11.59 34.71 -11.20
CA LEU A 48 -10.74 33.57 -11.56
C LEU A 48 -10.77 32.47 -10.49
N LEU A 49 -10.79 31.22 -10.94
CA LEU A 49 -10.51 30.09 -10.06
C LEU A 49 -9.35 29.37 -10.70
N ILE A 50 -8.19 29.48 -10.08
CA ILE A 50 -6.98 28.93 -10.67
C ILE A 50 -6.38 27.76 -9.85
N THR A 51 -5.49 27.01 -10.48
CA THR A 51 -4.75 25.95 -9.79
C THR A 51 -3.31 26.42 -9.55
N LEU A 52 -2.53 25.64 -8.81
CA LEU A 52 -1.15 26.04 -8.57
C LEU A 52 -0.35 26.05 -9.84
N ASN A 53 -0.97 25.56 -10.92
CA ASN A 53 -0.30 25.42 -12.22
C ASN A 53 -0.23 26.73 -12.98
N GLU A 54 -1.11 27.66 -12.62
CA GLU A 54 -1.07 29.03 -13.14
C GLU A 54 -0.21 29.88 -12.23
N LYS A 55 1.01 30.14 -12.67
CA LYS A 55 2.00 30.91 -11.92
C LYS A 55 1.80 32.44 -12.06
N CYS A 56 1.00 33.02 -11.17
CA CYS A 56 0.71 34.45 -11.20
C CYS A 56 1.78 35.29 -10.51
N ARG A 57 2.95 35.39 -11.13
CA ARG A 57 4.03 36.22 -10.61
C ARG A 57 3.61 37.67 -10.73
N LYS A 58 4.30 38.54 -9.99
CA LYS A 58 4.06 39.98 -10.02
C LYS A 58 3.74 40.49 -11.43
N GLU A 59 4.57 40.04 -12.38
CA GLU A 59 4.45 40.43 -13.78
C GLU A 59 3.05 40.16 -14.29
N VAL A 60 2.53 38.97 -13.97
CA VAL A 60 1.22 38.55 -14.46
C VAL A 60 0.10 39.24 -13.71
N ILE A 61 0.27 39.45 -12.41
CA ILE A 61 -0.77 40.11 -11.64
C ILE A 61 -0.98 41.50 -12.21
N ASP A 62 0.13 42.12 -12.63
CA ASP A 62 0.10 43.47 -13.20
C ASP A 62 -0.50 43.49 -14.61
N ARG A 63 -0.50 42.33 -15.25
CA ARG A 63 -1.04 42.17 -16.60
C ARG A 63 -2.55 41.88 -16.59
N ILE A 64 -3.10 41.62 -15.40
CA ILE A 64 -4.48 41.14 -15.29
C ILE A 64 -5.49 42.25 -15.52
N PRO A 65 -6.50 41.99 -16.37
CA PRO A 65 -7.65 42.89 -16.54
C PRO A 65 -8.16 43.44 -15.21
N GLU A 66 -8.48 44.72 -15.22
CA GLU A 66 -8.98 45.43 -14.04
C GLU A 66 -10.41 45.01 -13.72
N ASN A 67 -11.04 44.27 -14.64
CA ASN A 67 -12.32 43.59 -14.41
C ASN A 67 -12.25 42.73 -13.14
N ILE A 68 -11.14 42.01 -12.99
CA ILE A 68 -11.03 40.96 -11.98
C ILE A 68 -10.52 41.50 -10.66
N LYS A 69 -11.33 41.35 -9.62
CA LYS A 69 -10.88 41.69 -8.28
C LYS A 69 -11.02 40.50 -7.32
N CYS A 70 -10.81 39.31 -7.85
CA CYS A 70 -11.04 38.07 -7.11
C CYS A 70 -10.24 36.97 -7.75
N ILE A 71 -9.36 36.34 -6.98
CA ILE A 71 -8.68 35.12 -7.41
C ILE A 71 -8.77 34.06 -6.30
N SER A 72 -9.54 33.01 -6.54
CA SER A 72 -9.56 31.87 -5.63
C SER A 72 -8.59 30.85 -6.19
N THR A 73 -7.71 30.33 -5.32
CA THR A 73 -6.73 29.33 -5.74
C THR A 73 -7.06 27.94 -5.17
N TYR A 74 -7.12 26.95 -6.05
CA TYR A 74 -7.50 25.59 -5.72
C TYR A 74 -6.25 24.87 -5.21
N SER A 75 -5.90 25.16 -3.96
CA SER A 75 -4.60 24.80 -3.43
C SER A 75 -4.54 25.13 -1.98
N ILE A 76 -3.59 24.50 -1.30
CA ILE A 76 -3.32 24.80 0.09
C ILE A 76 -2.30 25.92 0.15
N GLY A 77 -1.40 25.94 -0.83
CA GLY A 77 -0.33 26.91 -0.84
C GLY A 77 -0.62 28.05 -1.79
N PHE A 78 0.24 29.06 -1.78
CA PHE A 78 0.11 30.20 -2.66
C PHE A 78 1.49 30.67 -3.07
N ASP A 79 2.36 29.70 -3.32
CA ASP A 79 3.72 29.97 -3.76
C ASP A 79 3.72 30.48 -5.18
N HIS A 80 2.58 30.38 -5.84
CA HIS A 80 2.48 30.69 -7.25
C HIS A 80 1.82 32.04 -7.48
N ILE A 81 1.48 32.72 -6.38
CA ILE A 81 0.76 33.98 -6.43
C ILE A 81 1.55 35.03 -5.62
N ASP A 82 1.75 36.21 -6.21
CA ASP A 82 2.35 37.35 -5.52
C ASP A 82 1.24 38.04 -4.74
N LEU A 83 1.20 37.82 -3.44
CA LEU A 83 0.11 38.33 -2.62
C LEU A 83 0.28 39.82 -2.32
N ASP A 84 1.53 40.28 -2.31
CA ASP A 84 1.82 41.72 -2.21
C ASP A 84 1.16 42.40 -3.39
N ALA A 85 1.63 42.05 -4.58
CA ALA A 85 1.13 42.59 -5.83
C ALA A 85 -0.40 42.62 -5.85
N CYS A 86 -1.04 41.51 -5.52
CA CYS A 86 -2.50 41.45 -5.47
C CYS A 86 -3.06 42.45 -4.48
N LYS A 87 -2.37 42.63 -3.36
CA LYS A 87 -2.83 43.49 -2.28
C LYS A 87 -2.79 44.97 -2.65
N ALA A 88 -1.66 45.41 -3.23
CA ALA A 88 -1.53 46.77 -3.74
C ALA A 88 -2.63 47.12 -4.75
N ARG A 89 -2.87 46.21 -5.70
CA ARG A 89 -3.93 46.35 -6.70
C ARG A 89 -5.35 46.17 -6.14
N GLY A 90 -5.45 45.77 -4.89
CA GLY A 90 -6.75 45.48 -4.32
C GLY A 90 -7.41 44.24 -4.90
N ILE A 91 -6.60 43.32 -5.42
CA ILE A 91 -7.06 41.98 -5.80
C ILE A 91 -7.08 41.09 -4.56
N LYS A 92 -8.29 40.66 -4.17
CA LYS A 92 -8.45 39.75 -3.04
C LYS A 92 -8.19 38.30 -3.49
N VAL A 93 -7.30 37.61 -2.78
CA VAL A 93 -7.03 36.21 -3.06
C VAL A 93 -7.43 35.35 -1.86
N GLY A 94 -7.93 34.16 -2.16
CA GLY A 94 -8.23 33.18 -1.12
C GLY A 94 -7.70 31.83 -1.58
N ASN A 95 -7.68 30.85 -0.69
CA ASN A 95 -7.21 29.51 -1.05
C ASN A 95 -8.09 28.41 -0.45
N ALA A 96 -7.64 27.17 -0.62
CA ALA A 96 -8.40 26.00 -0.17
C ALA A 96 -7.50 25.07 0.60
N PRO A 97 -7.32 25.33 1.91
CA PRO A 97 -6.29 24.67 2.73
C PRO A 97 -6.77 23.48 3.59
N HIS A 98 -7.93 22.90 3.26
CA HIS A 98 -8.50 21.84 4.09
C HIS A 98 -8.87 20.61 3.30
N GLY A 99 -9.09 19.51 4.01
CA GLY A 99 -9.65 18.34 3.38
C GLY A 99 -8.58 17.39 2.91
N VAL A 100 -7.32 17.68 3.22
CA VAL A 100 -6.24 16.84 2.73
C VAL A 100 -5.44 16.11 3.79
N THR A 101 -5.86 16.18 5.05
CA THR A 101 -5.11 15.58 6.14
C THR A 101 -5.13 14.03 6.13
N VAL A 102 -6.32 13.45 6.20
CA VAL A 102 -6.45 12.00 6.18
C VAL A 102 -5.91 11.44 4.86
N ALA A 103 -6.21 12.13 3.76
CA ALA A 103 -5.78 11.63 2.45
C ALA A 103 -4.28 11.54 2.40
N THR A 104 -3.60 12.41 3.12
CA THR A 104 -2.17 12.45 2.98
C THR A 104 -1.56 11.45 3.91
N ALA A 105 -2.18 11.32 5.07
CA ALA A 105 -1.83 10.33 6.08
C ALA A 105 -1.92 8.93 5.48
N GLU A 106 -3.02 8.66 4.80
CA GLU A 106 -3.20 7.40 4.10
C GLU A 106 -2.05 7.09 3.18
N ILE A 107 -1.61 8.08 2.42
CA ILE A 107 -0.56 7.88 1.43
C ILE A 107 0.78 7.71 2.11
N ALA A 108 0.99 8.40 3.22
CA ALA A 108 2.20 8.20 3.98
C ALA A 108 2.22 6.72 4.51
N MET A 109 1.08 6.22 5.00
CA MET A 109 0.96 4.81 5.45
C MET A 109 1.21 3.80 4.34
N LEU A 110 0.51 4.00 3.25
CA LEU A 110 0.72 3.26 2.02
C LEU A 110 2.18 3.18 1.63
N LEU A 111 2.91 4.29 1.71
CA LEU A 111 4.29 4.25 1.24
C LEU A 111 5.16 3.49 2.22
N LEU A 112 4.84 3.56 3.51
CA LEU A 112 5.60 2.84 4.53
C LEU A 112 5.36 1.32 4.39
N LEU A 113 4.10 0.93 4.24
CA LEU A 113 3.68 -0.46 4.03
C LEU A 113 4.21 -1.02 2.72
N GLY A 114 3.99 -0.30 1.62
CA GLY A 114 4.49 -0.70 0.31
C GLY A 114 6.00 -0.80 0.20
N SER A 115 6.70 -0.11 1.10
CA SER A 115 8.15 -0.13 1.08
C SER A 115 8.65 -1.31 1.89
N ALA A 116 8.07 -1.53 3.07
CA ALA A 116 8.35 -2.71 3.89
C ALA A 116 8.03 -4.00 3.12
N ARG A 117 6.96 -3.94 2.35
CA ARG A 117 6.47 -5.08 1.59
C ARG A 117 6.76 -5.15 0.09
N ARG A 118 7.57 -4.22 -0.41
CA ARG A 118 8.12 -4.30 -1.76
C ARG A 118 7.08 -4.39 -2.88
N ALA A 119 5.98 -3.65 -2.67
CA ALA A 119 4.86 -3.61 -3.59
C ALA A 119 5.21 -3.17 -5.00
N GLY A 120 6.14 -2.24 -5.12
CA GLY A 120 6.49 -1.76 -6.44
C GLY A 120 7.10 -2.88 -7.23
N GLU A 121 8.07 -3.58 -6.64
CA GLU A 121 8.74 -4.71 -7.32
C GLU A 121 7.82 -5.88 -7.56
N GLY A 122 6.83 -6.05 -6.68
CA GLY A 122 5.78 -7.01 -6.92
C GLY A 122 5.01 -6.72 -8.19
N GLU A 123 4.39 -5.54 -8.24
CA GLU A 123 3.62 -5.06 -9.38
C GLU A 123 4.39 -5.27 -10.67
N LYS A 124 5.66 -4.88 -10.66
CA LYS A 124 6.49 -5.03 -11.84
C LYS A 124 6.63 -6.49 -12.25
N MET A 125 6.87 -7.38 -11.28
CA MET A 125 7.10 -8.79 -11.63
C MET A 125 5.91 -9.40 -12.35
N ILE A 126 4.71 -8.98 -11.97
CA ILE A 126 3.55 -9.47 -12.65
C ILE A 126 3.34 -8.80 -13.99
N ARG A 127 3.26 -7.47 -14.02
CA ARG A 127 3.05 -6.75 -15.27
C ARG A 127 4.07 -7.15 -16.35
N THR A 128 5.33 -7.22 -15.95
CA THR A 128 6.43 -7.56 -16.83
C THR A 128 6.48 -9.07 -17.20
N ARG A 129 5.55 -9.84 -16.63
CA ARG A 129 5.40 -11.29 -16.88
C ARG A 129 6.66 -12.09 -16.56
N SER A 130 7.38 -11.67 -15.52
CA SER A 130 8.61 -12.34 -15.13
C SER A 130 8.43 -13.14 -13.85
N TRP A 131 7.21 -13.53 -13.53
CA TRP A 131 6.96 -14.27 -12.30
C TRP A 131 7.01 -15.77 -12.51
N PRO A 132 7.99 -16.44 -11.89
CA PRO A 132 8.17 -17.89 -12.07
C PRO A 132 7.37 -18.74 -11.06
N GLY A 133 6.51 -18.11 -10.27
CA GLY A 133 5.80 -18.80 -9.22
C GLY A 133 6.49 -18.60 -7.90
N TRP A 134 5.77 -18.98 -6.84
CA TRP A 134 6.18 -18.73 -5.45
C TRP A 134 7.46 -19.49 -5.10
N GLU A 135 8.44 -18.80 -4.52
CA GLU A 135 9.62 -19.46 -3.95
C GLU A 135 9.83 -18.88 -2.57
N PRO A 136 10.56 -19.60 -1.70
CA PRO A 136 10.64 -19.11 -0.31
C PRO A 136 11.40 -17.79 -0.14
N LEU A 137 12.26 -17.46 -1.10
CA LEU A 137 13.09 -16.26 -1.00
C LEU A 137 12.69 -15.14 -1.96
N GLU A 138 11.48 -15.17 -2.49
CA GLU A 138 11.11 -14.25 -3.55
C GLU A 138 10.40 -12.98 -3.06
N LEU A 139 11.01 -11.81 -3.31
CA LEU A 139 10.55 -10.50 -2.82
C LEU A 139 10.18 -10.45 -1.34
N VAL A 140 11.09 -10.91 -0.50
CA VAL A 140 10.82 -10.99 0.95
C VAL A 140 11.13 -9.64 1.61
N GLY A 141 10.13 -9.02 2.24
CA GLY A 141 10.35 -7.76 2.93
C GLY A 141 10.45 -7.87 4.43
N GLU A 142 9.60 -7.12 5.12
CA GLU A 142 9.59 -7.18 6.55
C GLU A 142 8.29 -6.62 7.08
N LYS A 143 7.91 -7.05 8.27
CA LYS A 143 6.61 -6.73 8.82
C LYS A 143 6.76 -5.37 9.51
N LEU A 144 5.65 -4.67 9.73
CA LEU A 144 5.67 -3.38 10.41
C LEU A 144 5.54 -3.46 11.92
N ASP A 145 4.91 -4.52 12.40
CA ASP A 145 4.51 -4.61 13.80
C ASP A 145 5.70 -4.69 14.72
N ASN A 146 5.60 -3.99 15.82
CA ASN A 146 6.72 -3.76 16.72
C ASN A 146 8.03 -3.34 16.04
N LYS A 147 7.91 -2.58 14.96
CA LYS A 147 9.02 -1.78 14.47
C LYS A 147 8.79 -0.31 14.88
N THR A 148 9.86 0.48 14.97
CA THR A 148 9.73 1.89 15.37
C THR A 148 9.56 2.82 14.18
N LEU A 149 8.51 3.65 14.23
CA LEU A 149 8.31 4.73 13.25
C LEU A 149 8.66 6.09 13.88
N GLY A 150 9.70 6.74 13.35
CA GLY A 150 9.99 8.12 13.70
C GLY A 150 9.28 9.09 12.76
N ILE A 151 8.35 9.85 13.29
CA ILE A 151 7.67 10.91 12.55
C ILE A 151 8.28 12.28 12.88
N TYR A 152 8.88 12.91 11.88
CA TYR A 152 9.40 14.27 12.02
C TYR A 152 8.31 15.26 11.61
N GLY A 153 7.71 15.93 12.57
CA GLY A 153 6.56 16.75 12.28
C GLY A 153 5.23 16.12 12.68
N PHE A 154 4.74 16.51 13.85
CA PHE A 154 3.61 15.85 14.46
C PHE A 154 2.39 16.78 14.56
N GLY A 155 1.93 17.24 13.42
CA GLY A 155 0.75 18.08 13.39
C GLY A 155 -0.41 17.21 13.00
N SER A 156 -1.45 17.81 12.43
CA SER A 156 -2.59 17.06 11.92
C SER A 156 -2.25 15.81 11.08
N ILE A 157 -1.35 15.94 10.11
CA ILE A 157 -1.00 14.80 9.24
C ILE A 157 -0.10 13.77 9.95
N GLY A 158 0.83 14.24 10.78
CA GLY A 158 1.72 13.33 11.49
C GLY A 158 0.96 12.53 12.51
N GLN A 159 0.00 13.17 13.15
CA GLN A 159 -0.92 12.52 14.07
C GLN A 159 -1.89 11.52 13.47
N ALA A 160 -2.37 11.77 12.26
CA ALA A 160 -3.26 10.84 11.58
C ALA A 160 -2.46 9.67 11.02
N LEU A 161 -1.19 9.90 10.70
CA LEU A 161 -0.28 8.83 10.35
C LEU A 161 -0.05 7.88 11.55
N ALA A 162 0.18 8.45 12.74
CA ALA A 162 0.31 7.67 13.97
C ALA A 162 -0.92 6.80 14.29
N LYS A 163 -2.10 7.33 14.10
CA LYS A 163 -3.33 6.55 14.21
C LYS A 163 -3.32 5.30 13.33
N ARG A 164 -3.00 5.47 12.05
CA ARG A 164 -3.00 4.37 11.10
C ARG A 164 -1.80 3.46 11.33
N ALA A 165 -0.75 4.01 11.93
CA ALA A 165 0.46 3.27 12.20
C ALA A 165 0.35 2.41 13.47
N GLN A 166 -0.39 2.86 14.49
CA GLN A 166 -0.62 2.01 15.67
C GLN A 166 -1.56 0.79 15.39
N GLY A 167 -2.34 0.85 14.31
CA GLY A 167 -3.12 -0.30 13.86
C GLY A 167 -2.26 -1.43 13.30
N PHE A 168 -1.05 -1.10 12.86
CA PHE A 168 -0.08 -2.12 12.46
C PHE A 168 0.85 -2.49 13.59
N ASP A 169 0.51 -2.11 14.82
CA ASP A 169 1.38 -2.27 16.00
C ASP A 169 2.79 -1.70 15.89
N MET A 170 2.96 -0.57 15.20
CA MET A 170 4.29 0.08 15.16
C MET A 170 4.48 0.85 16.47
N ASP A 171 5.73 1.13 16.84
CA ASP A 171 5.98 2.02 17.99
C ASP A 171 6.31 3.42 17.50
N ILE A 172 5.53 4.40 17.95
CA ILE A 172 5.58 5.73 17.38
C ILE A 172 6.36 6.71 18.23
N ASP A 173 7.46 7.19 17.67
CA ASP A 173 8.29 8.17 18.34
C ASP A 173 8.20 9.44 17.44
N TYR A 174 8.31 10.64 18.01
CA TYR A 174 8.29 11.83 17.18
C TYR A 174 9.20 12.98 17.62
N PHE A 175 9.48 13.87 16.68
CA PHE A 175 10.05 15.19 16.97
C PHE A 175 9.29 16.27 16.22
N ASP A 176 8.90 17.31 16.95
CA ASP A 176 8.38 18.54 16.39
C ASP A 176 8.83 19.65 17.33
N THR A 177 9.02 20.87 16.81
CA THR A 177 9.38 22.01 17.68
C THR A 177 8.16 22.42 18.51
N HIS A 178 7.01 21.89 18.14
CA HIS A 178 5.80 22.03 18.94
C HIS A 178 5.46 20.67 19.52
N ARG A 179 5.63 20.54 20.83
CA ARG A 179 5.33 19.31 21.50
C ARG A 179 3.82 19.23 21.75
N ALA A 180 3.23 18.12 21.34
CA ALA A 180 1.80 17.97 21.38
C ALA A 180 1.34 17.81 22.80
N SER A 181 0.04 17.96 23.00
CA SER A 181 -0.61 17.78 24.30
C SER A 181 -0.36 16.38 24.86
N SER A 182 -0.25 16.30 26.18
CA SER A 182 -0.13 15.02 26.85
C SER A 182 -1.32 14.16 26.51
N SER A 183 -2.49 14.80 26.46
CA SER A 183 -3.73 14.11 26.14
C SER A 183 -3.58 13.38 24.79
N ASP A 184 -2.61 13.87 24.05
CA ASP A 184 -2.45 13.57 22.64
C ASP A 184 -1.38 12.52 22.40
N GLU A 185 -0.25 12.73 23.03
CA GLU A 185 0.82 11.77 22.98
C GLU A 185 0.29 10.43 23.48
N ALA A 186 -0.59 10.53 24.48
CA ALA A 186 -1.24 9.37 25.07
C ALA A 186 -2.12 8.67 24.05
N SER A 187 -2.93 9.42 23.32
CA SER A 187 -3.72 8.88 22.23
C SER A 187 -2.95 7.86 21.38
N TYR A 188 -1.64 8.05 21.19
CA TYR A 188 -0.86 7.20 20.27
C TYR A 188 0.27 6.48 20.97
N GLN A 189 0.38 6.70 22.28
CA GLN A 189 1.54 6.27 23.05
C GLN A 189 2.80 6.76 22.37
N ALA A 190 2.72 7.96 21.81
CA ALA A 190 3.83 8.49 21.02
C ALA A 190 4.91 8.95 21.99
N THR A 191 6.13 8.53 21.73
CA THR A 191 7.28 8.98 22.49
C THR A 191 7.85 10.28 21.91
N PHE A 192 7.84 11.36 22.69
CA PHE A 192 8.44 12.62 22.25
C PHE A 192 9.95 12.54 22.31
N HIS A 193 10.62 13.09 21.31
CA HIS A 193 12.07 13.29 21.37
C HIS A 193 12.31 14.78 21.28
N ASP A 194 13.17 15.30 22.15
CA ASP A 194 13.47 16.73 22.16
C ASP A 194 14.59 17.12 21.19
N SER A 195 14.85 16.27 20.20
CA SER A 195 15.92 16.52 19.27
C SER A 195 15.69 15.67 18.02
N LEU A 196 16.10 16.16 16.85
CA LEU A 196 15.95 15.35 15.64
C LEU A 196 16.95 14.21 15.68
N ASP A 197 18.15 14.50 16.17
CA ASP A 197 19.24 13.52 16.25
C ASP A 197 18.83 12.38 17.14
N SER A 198 18.11 12.70 18.21
CA SER A 198 17.54 11.70 19.08
C SER A 198 16.51 10.81 18.39
N LEU A 199 15.76 11.36 17.45
CA LEU A 199 14.76 10.59 16.76
C LEU A 199 15.32 9.73 15.64
N LEU A 200 16.27 10.25 14.87
CA LEU A 200 16.82 9.51 13.76
C LEU A 200 17.39 8.20 14.27
N SER A 201 17.92 8.27 15.48
CA SER A 201 18.61 7.16 16.13
C SER A 201 17.73 5.90 16.20
N VAL A 202 16.48 6.07 16.60
CA VAL A 202 15.58 4.96 16.85
C VAL A 202 14.69 4.65 15.64
N SER A 203 14.89 5.36 14.54
CA SER A 203 13.94 5.31 13.44
C SER A 203 14.26 4.28 12.34
N GLN A 204 13.72 3.07 12.51
CA GLN A 204 13.85 2.01 11.49
C GLN A 204 12.97 2.42 10.31
N PHE A 205 11.81 2.99 10.61
CA PHE A 205 10.97 3.68 9.65
C PHE A 205 10.96 5.17 9.96
N PHE A 206 11.22 5.99 8.93
CA PHE A 206 11.31 7.45 9.08
C PHE A 206 10.37 8.20 8.13
N SER A 207 9.49 9.00 8.70
CA SER A 207 8.50 9.74 7.93
C SER A 207 8.75 11.25 8.05
N LEU A 208 9.06 11.90 6.91
CA LEU A 208 9.18 13.37 6.83
C LEU A 208 7.80 13.98 6.62
N ASN A 209 7.27 14.63 7.65
CA ASN A 209 6.00 15.38 7.54
C ASN A 209 6.26 16.82 7.99
N ALA A 210 7.50 17.27 7.78
CA ALA A 210 8.01 18.50 8.38
C ALA A 210 7.63 19.73 7.53
N PRO A 211 7.60 20.93 8.15
CA PRO A 211 7.44 22.18 7.40
C PRO A 211 8.76 22.63 6.77
N SER A 212 8.72 22.99 5.49
CA SER A 212 9.90 23.50 4.80
C SER A 212 10.24 24.91 5.26
N THR A 213 11.53 25.09 5.51
CA THR A 213 12.08 26.27 6.13
C THR A 213 13.42 26.35 5.40
N PRO A 214 13.97 27.57 5.21
CA PRO A 214 15.28 27.68 4.57
C PRO A 214 16.33 26.84 5.30
N GLU A 215 16.18 26.81 6.61
CA GLU A 215 17.09 26.07 7.47
C GLU A 215 16.91 24.55 7.38
N THR A 216 15.73 24.08 6.97
CA THR A 216 15.44 22.66 6.88
C THR A 216 15.47 22.17 5.45
N ARG A 217 15.70 23.07 4.51
CA ARG A 217 15.79 22.71 3.12
C ARG A 217 16.99 21.79 2.97
N TYR A 218 16.79 20.68 2.28
CA TYR A 218 17.80 19.65 2.02
C TYR A 218 18.39 19.01 3.26
N PHE A 219 17.69 19.01 4.40
CA PHE A 219 18.31 18.56 5.63
C PHE A 219 18.53 17.07 5.57
N PHE A 220 17.67 16.37 4.83
CA PHE A 220 17.81 14.93 4.77
C PHE A 220 18.89 14.60 3.79
N ASN A 221 20.10 14.43 4.32
CA ASN A 221 21.23 14.21 3.47
C ASN A 221 22.15 13.19 4.09
N LYS A 222 23.33 13.05 3.51
CA LYS A 222 24.29 12.03 3.91
C LYS A 222 24.47 12.01 5.39
N ALA A 223 24.76 13.17 5.97
CA ALA A 223 25.05 13.27 7.39
C ALA A 223 23.85 12.87 8.23
N THR A 224 22.65 13.23 7.78
CA THR A 224 21.42 12.84 8.48
C THR A 224 21.13 11.33 8.29
N ILE A 225 21.44 10.80 7.12
CA ILE A 225 21.24 9.38 6.81
C ILE A 225 22.08 8.47 7.73
N LYS A 226 23.34 8.83 7.92
CA LYS A 226 24.24 8.08 8.79
C LYS A 226 23.86 8.07 10.27
N SER A 227 22.79 8.75 10.65
CA SER A 227 22.30 8.71 12.04
C SER A 227 21.11 7.76 12.18
N LEU A 228 20.54 7.44 11.03
CA LEU A 228 19.46 6.47 10.97
C LEU A 228 20.03 5.08 11.28
N PRO A 229 19.22 4.16 11.86
CA PRO A 229 19.65 2.77 11.93
C PRO A 229 19.84 2.15 10.55
N GLN A 230 20.78 1.22 10.44
CA GLN A 230 21.15 0.61 9.16
C GLN A 230 19.92 0.05 8.47
N GLY A 231 19.85 0.16 7.15
CA GLY A 231 18.70 -0.40 6.45
C GLY A 231 17.38 0.24 6.85
N ALA A 232 17.47 1.47 7.32
CA ALA A 232 16.29 2.27 7.64
C ALA A 232 15.53 2.54 6.37
N ILE A 233 14.23 2.77 6.52
CA ILE A 233 13.35 3.05 5.42
C ILE A 233 12.69 4.40 5.65
N VAL A 234 12.77 5.29 4.66
CA VAL A 234 12.30 6.67 4.78
C VAL A 234 11.18 6.95 3.79
N VAL A 235 10.10 7.57 4.23
CA VAL A 235 9.08 8.05 3.30
C VAL A 235 8.95 9.58 3.34
N ASN A 236 8.53 10.19 2.23
CA ASN A 236 8.37 11.63 2.20
C ASN A 236 7.11 12.00 1.45
N THR A 237 6.20 12.65 2.15
CA THR A 237 4.98 13.13 1.53
C THR A 237 4.83 14.66 1.71
N ALA A 238 5.85 15.31 2.22
CA ALA A 238 5.76 16.71 2.58
C ALA A 238 6.22 17.59 1.41
N ARG A 239 7.52 17.65 1.23
CA ARG A 239 8.12 18.65 0.40
C ARG A 239 9.34 18.04 -0.15
N GLY A 240 9.45 18.02 -1.47
CA GLY A 240 10.58 17.38 -2.12
C GLY A 240 11.93 18.01 -1.85
N ASP A 241 11.93 19.24 -1.38
CA ASP A 241 13.18 19.96 -1.13
C ASP A 241 13.64 19.82 0.34
N LEU A 242 12.96 18.95 1.09
CA LEU A 242 13.45 18.51 2.39
C LEU A 242 14.53 17.43 2.27
N VAL A 243 14.70 16.93 1.06
CA VAL A 243 15.54 15.77 0.84
C VAL A 243 16.59 16.17 -0.19
N ASP A 244 17.84 15.80 0.07
CA ASP A 244 18.88 16.00 -0.89
C ASP A 244 19.05 14.75 -1.76
N ASN A 245 18.51 14.78 -2.97
CA ASN A 245 18.42 13.60 -3.85
C ASN A 245 19.72 12.81 -4.02
N GLU A 246 20.82 13.49 -4.29
CA GLU A 246 22.06 12.79 -4.60
C GLU A 246 22.42 11.78 -3.50
N LEU A 247 22.16 12.19 -2.26
CA LEU A 247 22.62 11.49 -1.09
C LEU A 247 21.66 10.35 -0.73
N VAL A 248 20.39 10.55 -1.04
CA VAL A 248 19.40 9.49 -0.97
C VAL A 248 19.67 8.42 -2.05
N VAL A 249 19.87 8.81 -3.30
CA VAL A 249 20.11 7.83 -4.35
C VAL A 249 21.36 7.01 -4.02
N ALA A 250 22.35 7.65 -3.39
CA ALA A 250 23.62 6.99 -3.09
C ALA A 250 23.52 5.95 -1.98
N ALA A 251 22.61 6.16 -1.05
CA ALA A 251 22.50 5.27 0.09
C ALA A 251 21.57 4.10 -0.22
N LEU A 252 20.57 4.35 -1.06
CA LEU A 252 19.71 3.29 -1.56
C LEU A 252 20.56 2.29 -2.34
N GLU A 253 21.52 2.81 -3.08
CA GLU A 253 22.43 1.95 -3.82
C GLU A 253 23.38 1.21 -2.88
N ALA A 254 23.97 1.93 -1.92
CA ALA A 254 24.86 1.35 -0.92
C ALA A 254 24.11 0.45 0.08
N GLY A 255 22.78 0.55 0.10
CA GLY A 255 21.99 -0.21 1.04
C GLY A 255 22.04 0.38 2.44
N ARG A 256 22.65 1.56 2.56
CA ARG A 256 22.65 2.26 3.83
C ARG A 256 21.20 2.51 4.24
N LEU A 257 20.36 2.66 3.22
CA LEU A 257 18.92 2.77 3.38
C LEU A 257 18.38 1.56 2.64
N ALA A 258 17.37 0.91 3.21
CA ALA A 258 16.81 -0.29 2.60
C ALA A 258 15.92 0.13 1.46
N TYR A 259 15.01 1.05 1.75
CA TYR A 259 13.96 1.43 0.79
C TYR A 259 13.63 2.93 0.96
N ALA A 260 12.94 3.50 -0.05
CA ALA A 260 12.41 4.87 0.00
C ALA A 260 11.02 4.89 -0.61
N GLY A 261 10.08 5.50 0.08
CA GLY A 261 8.79 5.75 -0.52
C GLY A 261 8.52 7.24 -0.57
N PHE A 262 8.56 7.80 -1.77
CA PHE A 262 8.46 9.24 -1.96
C PHE A 262 7.22 9.58 -2.75
N ASP A 263 6.48 10.56 -2.26
CA ASP A 263 5.30 11.07 -2.97
C ASP A 263 5.59 12.40 -3.66
N VAL A 264 6.67 13.06 -3.24
CA VAL A 264 6.97 14.40 -3.71
C VAL A 264 8.47 14.42 -3.92
N PHE A 265 8.90 15.14 -4.97
CA PHE A 265 10.30 15.21 -5.40
C PHE A 265 10.73 16.66 -5.69
N ALA A 266 12.02 16.94 -5.53
CA ALA A 266 12.60 18.23 -5.90
C ALA A 266 12.58 18.33 -7.39
N GLY A 267 11.81 19.28 -7.91
CA GLY A 267 11.84 19.55 -9.33
C GLY A 267 10.74 18.85 -10.08
N GLU A 268 9.71 18.42 -9.35
CA GLU A 268 8.65 17.66 -9.98
C GLU A 268 7.99 18.50 -11.05
N PRO A 269 7.69 17.91 -12.21
CA PRO A 269 7.74 16.46 -12.44
C PRO A 269 9.07 15.93 -13.01
N ASN A 270 10.07 16.78 -13.08
CA ASN A 270 11.36 16.36 -13.62
C ASN A 270 12.24 15.91 -12.47
N ILE A 271 11.85 14.77 -11.92
CA ILE A 271 12.50 14.22 -10.75
C ILE A 271 13.88 13.73 -11.14
N ASN A 272 14.81 13.79 -10.21
CA ASN A 272 16.15 13.26 -10.43
C ASN A 272 16.11 11.88 -11.10
N GLU A 273 16.84 11.73 -12.21
CA GLU A 273 16.83 10.53 -13.03
C GLU A 273 17.28 9.24 -12.34
N GLY A 274 18.03 9.38 -11.25
CA GLY A 274 18.43 8.24 -10.43
C GLY A 274 17.29 7.40 -9.86
N TYR A 275 16.15 8.03 -9.57
CA TYR A 275 15.01 7.32 -8.99
C TYR A 275 14.43 6.26 -9.87
N TYR A 276 14.37 6.53 -11.18
CA TYR A 276 13.62 5.69 -12.12
C TYR A 276 13.97 4.20 -12.10
N ASP A 277 15.25 3.89 -11.95
CA ASP A 277 15.69 2.50 -12.05
C ASP A 277 16.07 1.87 -10.73
N LEU A 278 16.03 2.65 -9.65
CA LEU A 278 16.28 2.11 -8.31
C LEU A 278 15.15 1.14 -7.97
N PRO A 279 15.47 -0.16 -7.76
CA PRO A 279 14.42 -1.15 -7.50
C PRO A 279 13.84 -1.01 -6.10
N ASN A 280 14.68 -0.54 -5.18
CA ASN A 280 14.24 -0.30 -3.81
C ASN A 280 13.63 1.09 -3.59
N THR A 281 12.64 1.41 -4.41
CA THR A 281 11.88 2.63 -4.22
C THR A 281 10.41 2.34 -4.51
N PHE A 282 9.51 3.02 -3.82
CA PHE A 282 8.10 2.95 -4.13
C PHE A 282 7.68 4.43 -4.30
N LEU A 283 7.23 4.82 -5.49
CA LEU A 283 7.22 6.23 -5.92
C LEU A 283 5.86 6.60 -6.52
N PHE A 284 5.28 7.72 -6.06
CA PHE A 284 3.99 8.20 -6.56
C PHE A 284 4.11 9.59 -7.19
N PRO A 285 3.27 9.87 -8.20
CA PRO A 285 3.27 11.20 -8.81
C PRO A 285 2.47 12.21 -8.00
N HIS A 286 2.97 12.55 -6.82
CA HIS A 286 2.29 13.47 -5.93
C HIS A 286 0.79 13.20 -5.76
N ILE A 287 0.44 11.96 -5.39
CA ILE A 287 -0.97 11.68 -5.19
C ILE A 287 -1.41 11.65 -3.74
N GLY A 288 -0.72 12.44 -2.95
CA GLY A 288 -1.13 12.65 -1.57
C GLY A 288 -2.58 12.96 -1.32
N SER A 289 -3.15 13.95 -2.03
CA SER A 289 -4.54 14.32 -1.75
C SER A 289 -5.45 13.91 -2.88
N ALA A 290 -4.91 13.11 -3.80
CA ALA A 290 -5.66 12.52 -4.91
C ALA A 290 -6.76 11.56 -4.46
N ALA A 291 -7.64 11.99 -3.56
CA ALA A 291 -8.88 11.26 -3.21
C ALA A 291 -10.06 12.17 -3.51
N THR A 292 -11.14 11.60 -4.05
CA THR A 292 -12.26 12.41 -4.48
C THR A 292 -12.86 13.27 -3.36
N GLN A 293 -12.83 12.77 -2.14
CA GLN A 293 -13.40 13.51 -1.02
C GLN A 293 -12.54 14.74 -0.73
N ALA A 294 -11.22 14.57 -0.91
CA ALA A 294 -10.28 15.64 -0.66
C ALA A 294 -10.42 16.66 -1.76
N ARG A 295 -10.41 16.18 -2.99
CA ARG A 295 -10.43 17.07 -4.14
C ARG A 295 -11.71 17.89 -4.26
N GLU A 296 -12.76 17.47 -3.57
CA GLU A 296 -14.00 18.21 -3.61
C GLU A 296 -14.15 19.19 -2.49
N ASP A 297 -13.66 18.83 -1.31
CA ASP A 297 -13.55 19.79 -0.22
C ASP A 297 -12.76 21.02 -0.67
N MET A 298 -11.63 20.78 -1.34
CA MET A 298 -10.81 21.86 -1.86
C MET A 298 -11.59 22.73 -2.84
N ALA A 299 -12.42 22.09 -3.66
CA ALA A 299 -13.16 22.81 -4.66
C ALA A 299 -14.34 23.60 -4.09
N HIS A 300 -15.09 23.01 -3.17
CA HIS A 300 -16.17 23.69 -2.52
C HIS A 300 -15.60 24.87 -1.77
N GLN A 301 -14.40 24.70 -1.22
CA GLN A 301 -13.69 25.77 -0.52
C GLN A 301 -13.28 26.91 -1.45
N ALA A 302 -12.69 26.57 -2.59
CA ALA A 302 -12.37 27.58 -3.59
C ALA A 302 -13.63 28.23 -4.16
N ASN A 303 -14.78 27.59 -4.01
CA ASN A 303 -16.03 28.18 -4.46
C ASN A 303 -16.60 29.09 -3.38
N ASP A 304 -16.45 28.69 -2.13
CA ASP A 304 -16.83 29.52 -0.98
C ASP A 304 -16.17 30.89 -1.03
N LEU A 305 -14.94 30.93 -1.50
CA LEU A 305 -14.19 32.16 -1.56
C LEU A 305 -14.84 33.18 -2.52
N ILE A 306 -14.96 32.79 -3.77
CA ILE A 306 -15.74 33.52 -4.77
C ILE A 306 -17.10 33.95 -4.25
N ASP A 307 -17.88 32.98 -3.76
CA ASP A 307 -19.16 33.27 -3.14
C ASP A 307 -19.12 34.47 -2.20
N ALA A 308 -18.13 34.53 -1.32
CA ALA A 308 -18.05 35.60 -0.35
C ALA A 308 -17.52 36.94 -0.90
N LEU A 309 -16.76 36.94 -1.98
CA LEU A 309 -16.41 38.22 -2.62
C LEU A 309 -17.70 38.79 -3.18
N PHE A 310 -18.33 38.04 -4.07
CA PHE A 310 -19.57 38.49 -4.72
C PHE A 310 -20.71 38.70 -3.74
N GLY A 311 -20.61 38.12 -2.55
CA GLY A 311 -21.65 38.29 -1.56
C GLY A 311 -21.37 39.50 -0.70
N GLY A 312 -20.20 40.10 -0.90
CA GLY A 312 -19.78 41.25 -0.11
C GLY A 312 -19.44 40.97 1.34
N ALA A 313 -18.82 39.82 1.61
CA ALA A 313 -18.36 39.50 2.96
C ALA A 313 -16.86 39.17 2.86
N ASP A 314 -16.24 38.85 3.99
CA ASP A 314 -14.84 38.44 3.99
C ASP A 314 -14.67 37.00 3.46
N MET A 315 -13.64 36.82 2.62
CA MET A 315 -13.30 35.49 2.12
C MET A 315 -13.00 34.56 3.28
N SER A 316 -13.56 33.36 3.21
CA SER A 316 -13.40 32.36 4.25
C SER A 316 -11.94 31.88 4.41
N TYR A 317 -11.19 31.81 3.32
CA TYR A 317 -9.76 31.50 3.44
C TYR A 317 -9.00 32.63 2.81
N ALA A 318 -9.15 33.81 3.42
CA ALA A 318 -8.58 35.05 2.92
C ALA A 318 -7.04 35.04 2.96
N LEU A 319 -6.41 35.03 1.79
CA LEU A 319 -4.97 35.22 1.70
C LEU A 319 -4.61 36.70 1.55
N ALA A 320 -5.39 37.45 0.76
CA ALA A 320 -5.17 38.89 0.56
C ALA A 320 -6.44 39.69 0.81
N LYS B 1 26.08 -36.45 12.50
CA LYS B 1 25.18 -35.51 11.83
C LYS B 1 24.32 -36.23 10.80
N LYS B 2 23.01 -36.25 11.04
CA LYS B 2 22.05 -36.80 10.09
C LYS B 2 21.96 -35.84 8.90
N LYS B 3 22.02 -36.39 7.70
CA LYS B 3 21.97 -35.59 6.48
C LYS B 3 20.53 -35.24 6.10
N ILE B 4 20.30 -34.02 5.63
CA ILE B 4 18.99 -33.66 5.09
C ILE B 4 19.16 -33.00 3.73
N LEU B 5 18.19 -33.21 2.84
CA LEU B 5 18.12 -32.44 1.61
C LEU B 5 17.14 -31.28 1.83
N ILE B 6 17.57 -30.08 1.49
CA ILE B 6 16.69 -28.92 1.44
C ILE B 6 16.52 -28.55 -0.02
N THR B 7 15.28 -28.57 -0.50
CA THR B 7 15.02 -28.44 -1.93
C THR B 7 15.21 -27.03 -2.49
N TRP B 8 14.85 -26.02 -1.71
CA TRP B 8 14.99 -24.62 -2.11
C TRP B 8 15.89 -23.85 -1.16
N PRO B 9 16.55 -22.77 -1.62
CA PRO B 9 17.24 -21.91 -0.67
C PRO B 9 16.25 -21.25 0.29
N LEU B 10 16.49 -21.41 1.58
CA LEU B 10 15.62 -20.85 2.61
C LEU B 10 16.31 -19.65 3.25
N PRO B 11 15.57 -18.84 4.02
CA PRO B 11 16.21 -17.71 4.68
C PRO B 11 17.51 -18.07 5.36
N GLU B 12 18.36 -17.06 5.52
CA GLU B 12 19.70 -17.17 6.10
C GLU B 12 19.75 -17.75 7.52
N ALA B 13 18.78 -17.41 8.36
CA ALA B 13 18.77 -17.90 9.75
C ALA B 13 18.45 -19.39 9.86
N ALA B 14 17.51 -19.81 9.01
CA ALA B 14 17.03 -21.18 8.92
C ALA B 14 18.07 -22.09 8.31
N MET B 15 18.66 -21.68 7.19
CA MET B 15 19.81 -22.39 6.64
C MET B 15 20.92 -22.59 7.65
N ALA B 16 21.11 -21.61 8.53
CA ALA B 16 22.17 -21.65 9.54
C ALA B 16 21.88 -22.66 10.65
N ARG B 17 20.65 -22.69 11.13
CA ARG B 17 20.27 -23.69 12.11
C ARG B 17 20.38 -25.08 11.52
N ALA B 18 19.93 -25.23 10.28
CA ALA B 18 19.97 -26.50 9.58
C ALA B 18 21.38 -27.07 9.59
N ARG B 19 22.35 -26.28 9.14
CA ARG B 19 23.74 -26.69 9.10
C ARG B 19 24.44 -26.70 10.45
N GLU B 20 23.74 -26.32 11.51
CA GLU B 20 24.27 -26.53 12.85
C GLU B 20 24.03 -27.96 13.33
N SER B 21 22.82 -28.45 13.10
CA SER B 21 22.38 -29.76 13.59
C SER B 21 22.52 -30.88 12.56
N TYR B 22 22.71 -30.51 11.29
CA TYR B 22 22.63 -31.50 10.21
C TYR B 22 23.73 -31.27 9.20
N ASP B 23 24.00 -32.31 8.43
CA ASP B 23 24.85 -32.19 7.26
C ASP B 23 23.82 -31.98 6.18
N VAL B 24 23.90 -30.84 5.51
CA VAL B 24 22.82 -30.42 4.62
C VAL B 24 23.29 -30.46 3.18
N ILE B 25 22.47 -31.06 2.32
CA ILE B 25 22.59 -30.80 0.89
C ILE B 25 21.58 -29.71 0.57
N ALA B 26 22.11 -28.54 0.21
CA ALA B 26 21.28 -27.40 -0.15
C ALA B 26 21.19 -27.28 -1.66
N HIS B 27 19.99 -27.37 -2.20
CA HIS B 27 19.81 -27.28 -3.63
C HIS B 27 19.44 -25.83 -3.98
N GLY B 28 20.07 -25.29 -5.03
CA GLY B 28 19.80 -23.91 -5.42
C GLY B 28 18.52 -23.78 -6.23
N ASP B 29 18.06 -22.55 -6.43
CA ASP B 29 16.92 -22.30 -7.33
C ASP B 29 17.41 -22.08 -8.75
N ASP B 30 18.69 -21.75 -8.90
CA ASP B 30 19.24 -21.60 -10.25
C ASP B 30 18.36 -22.47 -11.12
N PRO B 31 18.76 -23.71 -11.40
CA PRO B 31 17.93 -24.69 -12.06
C PRO B 31 17.33 -25.54 -10.98
N LYS B 32 16.12 -25.17 -10.61
CA LYS B 32 15.38 -25.78 -9.49
C LYS B 32 15.44 -27.31 -9.49
N ILE B 33 15.05 -27.89 -8.36
CA ILE B 33 15.09 -29.32 -8.15
C ILE B 33 13.96 -29.94 -8.99
N THR B 34 14.32 -31.00 -9.71
CA THR B 34 13.33 -31.83 -10.39
C THR B 34 13.05 -33.02 -9.49
N ILE B 35 11.86 -33.61 -9.63
CA ILE B 35 11.51 -34.79 -8.85
C ILE B 35 12.57 -35.90 -8.92
N ASP B 36 13.04 -36.25 -10.12
CA ASP B 36 13.98 -37.35 -10.29
C ASP B 36 15.24 -37.13 -9.47
N GLU B 37 15.83 -35.95 -9.63
CA GLU B 37 16.96 -35.50 -8.84
C GLU B 37 16.67 -35.62 -7.35
N MET B 38 15.48 -35.20 -6.93
CA MET B 38 15.09 -35.34 -5.54
C MET B 38 15.06 -36.80 -5.11
N ILE B 39 14.52 -37.66 -5.99
CA ILE B 39 14.42 -39.10 -5.72
C ILE B 39 15.80 -39.75 -5.68
N GLU B 40 16.66 -39.31 -6.59
CA GLU B 40 18.03 -39.80 -6.68
C GLU B 40 18.83 -39.36 -5.48
N THR B 41 18.55 -38.15 -4.99
CA THR B 41 19.31 -37.58 -3.87
C THR B 41 18.77 -38.06 -2.52
N ALA B 42 17.49 -38.47 -2.49
CA ALA B 42 16.88 -39.04 -1.29
C ALA B 42 17.59 -40.33 -0.85
N LYS B 43 18.20 -41.01 -1.80
CA LYS B 43 18.96 -42.21 -1.47
C LYS B 43 20.17 -41.90 -0.58
N SER B 44 20.71 -40.68 -0.68
CA SER B 44 21.96 -40.32 0.02
C SER B 44 21.77 -39.55 1.34
N VAL B 45 20.51 -39.37 1.77
CA VAL B 45 20.23 -38.52 2.93
C VAL B 45 19.18 -39.17 3.80
N ASP B 46 18.95 -38.61 4.98
CA ASP B 46 18.07 -39.21 5.98
C ASP B 46 16.69 -38.58 6.08
N ALA B 47 16.52 -37.38 5.54
CA ALA B 47 15.22 -36.73 5.54
C ALA B 47 15.16 -35.63 4.47
N LEU B 48 13.93 -35.21 4.17
CA LEU B 48 13.67 -34.25 3.11
C LEU B 48 13.00 -33.01 3.72
N LEU B 49 13.56 -31.83 3.44
CA LEU B 49 12.86 -30.55 3.61
C LEU B 49 12.47 -30.02 2.24
N ILE B 50 11.17 -30.04 1.95
CA ILE B 50 10.69 -29.73 0.61
C ILE B 50 9.76 -28.53 0.72
N THR B 51 9.40 -27.94 -0.42
CA THR B 51 8.41 -26.85 -0.40
C THR B 51 7.14 -27.30 -1.11
N LEU B 52 6.20 -26.39 -1.30
CA LEU B 52 4.96 -26.72 -2.00
C LEU B 52 5.17 -26.91 -3.51
N ASN B 53 6.40 -26.69 -3.97
CA ASN B 53 6.72 -26.82 -5.38
C ASN B 53 7.04 -28.28 -5.75
N GLU B 54 7.43 -29.05 -4.74
CA GLU B 54 7.68 -30.45 -4.95
C GLU B 54 6.38 -31.16 -4.70
N LYS B 55 5.77 -31.62 -5.79
CA LYS B 55 4.47 -32.30 -5.71
C LYS B 55 4.66 -33.81 -5.46
N CYS B 56 4.53 -34.19 -4.19
CA CYS B 56 4.78 -35.54 -3.74
C CYS B 56 3.47 -36.30 -3.64
N ARG B 57 2.88 -36.61 -4.79
CA ARG B 57 1.64 -37.37 -4.79
C ARG B 57 1.97 -38.86 -4.93
N LYS B 58 0.95 -39.73 -4.91
CA LYS B 58 1.17 -41.16 -4.71
C LYS B 58 2.31 -41.67 -5.57
N GLU B 59 2.23 -41.37 -6.87
CA GLU B 59 3.22 -41.87 -7.84
C GLU B 59 4.65 -41.45 -7.55
N VAL B 60 4.81 -40.46 -6.68
CA VAL B 60 6.13 -40.00 -6.29
C VAL B 60 6.48 -40.62 -4.95
N ILE B 61 5.51 -40.72 -4.04
CA ILE B 61 5.76 -41.38 -2.77
C ILE B 61 6.16 -42.83 -3.04
N ASP B 62 5.59 -43.41 -4.09
CA ASP B 62 6.02 -44.72 -4.57
C ASP B 62 7.52 -44.79 -4.84
N ARG B 63 8.11 -43.74 -5.39
CA ARG B 63 9.51 -43.79 -5.84
C ARG B 63 10.50 -43.56 -4.72
N ILE B 64 10.02 -43.19 -3.54
CA ILE B 64 10.89 -42.68 -2.48
C ILE B 64 11.72 -43.78 -1.81
N PRO B 65 13.03 -43.53 -1.62
CA PRO B 65 13.85 -44.62 -1.10
C PRO B 65 13.52 -44.96 0.35
N GLU B 66 13.74 -46.22 0.73
CA GLU B 66 13.32 -46.73 2.03
C GLU B 66 13.99 -46.04 3.22
N ASN B 67 15.14 -45.39 2.97
CA ASN B 67 15.82 -44.60 3.99
C ASN B 67 15.03 -43.37 4.43
N ILE B 68 14.28 -42.75 3.52
CA ILE B 68 13.49 -41.60 3.88
C ILE B 68 12.21 -42.03 4.59
N LYS B 69 12.16 -41.82 5.89
CA LYS B 69 10.90 -41.91 6.64
C LYS B 69 10.50 -40.56 7.22
N CYS B 70 11.25 -39.51 6.87
CA CYS B 70 10.97 -38.15 7.34
C CYS B 70 10.82 -37.13 6.22
N ILE B 71 9.72 -36.39 6.28
CA ILE B 71 9.48 -35.33 5.31
C ILE B 71 8.90 -34.10 6.00
N SER B 72 9.57 -32.96 5.85
CA SER B 72 9.06 -31.68 6.34
C SER B 72 8.80 -30.75 5.15
N THR B 73 7.60 -30.17 5.11
CA THR B 73 7.26 -29.22 4.08
C THR B 73 7.18 -27.77 4.60
N TYR B 74 8.06 -26.95 4.03
CA TYR B 74 8.12 -25.52 4.26
C TYR B 74 6.93 -24.91 3.53
N SER B 75 5.83 -24.79 4.24
CA SER B 75 4.53 -24.73 3.60
C SER B 75 3.52 -24.72 4.72
N ILE B 76 2.37 -24.12 4.50
CA ILE B 76 1.27 -24.15 5.48
C ILE B 76 0.27 -25.24 5.07
N GLY B 77 0.14 -25.46 3.76
CA GLY B 77 -0.70 -26.51 3.26
C GLY B 77 0.09 -27.77 2.96
N PHE B 78 -0.63 -28.80 2.53
CA PHE B 78 -0.03 -30.10 2.18
C PHE B 78 -0.77 -30.73 1.03
N ASP B 79 -1.38 -29.90 0.20
CA ASP B 79 -2.13 -30.36 -0.96
C ASP B 79 -1.21 -31.13 -1.87
N HIS B 80 0.09 -30.89 -1.72
CA HIS B 80 1.05 -31.43 -2.67
C HIS B 80 1.63 -32.76 -2.18
N ILE B 81 1.21 -33.19 -0.99
CA ILE B 81 1.70 -34.44 -0.41
C ILE B 81 0.54 -35.41 -0.26
N ASP B 82 0.70 -36.63 -0.79
CA ASP B 82 -0.23 -37.72 -0.50
C ASP B 82 0.05 -38.26 0.90
N LEU B 83 -0.67 -37.70 1.89
CA LEU B 83 -0.43 -38.02 3.30
C LEU B 83 -0.78 -39.48 3.63
N ASP B 84 -1.75 -40.02 2.90
CA ASP B 84 -2.11 -41.43 2.99
C ASP B 84 -0.94 -42.29 2.62
N ALA B 85 -0.54 -42.23 1.34
CA ALA B 85 0.59 -43.02 0.84
C ALA B 85 1.77 -42.93 1.80
N CYS B 86 1.87 -41.82 2.49
CA CYS B 86 2.91 -41.63 3.47
C CYS B 86 2.66 -42.45 4.71
N LYS B 87 1.45 -42.37 5.26
CA LYS B 87 1.04 -43.16 6.42
C LYS B 87 1.22 -44.66 6.14
N ALA B 88 0.76 -45.08 4.96
CA ALA B 88 0.82 -46.47 4.52
C ALA B 88 2.23 -47.05 4.50
N ARG B 89 3.17 -46.18 4.19
CA ARG B 89 4.53 -46.58 3.94
C ARG B 89 5.34 -46.23 5.17
N GLY B 90 4.66 -45.71 6.18
CA GLY B 90 5.31 -45.35 7.43
C GLY B 90 6.17 -44.11 7.40
N ILE B 91 5.93 -43.22 6.45
CA ILE B 91 6.69 -41.98 6.36
C ILE B 91 6.02 -40.89 7.21
N LYS B 92 6.76 -40.32 8.16
CA LYS B 92 6.18 -39.27 8.99
C LYS B 92 6.35 -37.86 8.35
N VAL B 93 5.25 -37.09 8.30
CA VAL B 93 5.19 -35.84 7.56
C VAL B 93 4.64 -34.70 8.42
N GLY B 94 5.38 -33.60 8.50
CA GLY B 94 4.87 -32.41 9.17
C GLY B 94 4.98 -31.15 8.31
N ASN B 95 4.25 -30.11 8.68
CA ASN B 95 4.37 -28.82 7.96
C ASN B 95 4.77 -27.63 8.86
N ALA B 96 4.73 -26.43 8.28
CA ALA B 96 5.05 -25.22 9.03
C ALA B 96 3.86 -24.27 8.96
N PRO B 97 2.94 -24.37 9.91
CA PRO B 97 1.68 -23.66 9.65
C PRO B 97 1.49 -22.35 10.44
N HIS B 98 2.55 -21.85 11.09
CA HIS B 98 2.44 -20.62 11.88
C HIS B 98 3.32 -19.52 11.35
N GLY B 99 3.00 -18.30 11.77
CA GLY B 99 3.90 -17.19 11.52
C GLY B 99 3.55 -16.49 10.23
N VAL B 100 2.31 -16.65 9.76
CA VAL B 100 1.92 -15.94 8.57
C VAL B 100 0.70 -15.07 8.73
N THR B 101 0.15 -15.00 9.94
CA THR B 101 -1.11 -14.31 10.13
C THR B 101 -0.99 -12.80 9.91
N VAL B 102 -0.03 -12.18 10.56
CA VAL B 102 0.12 -10.75 10.45
C VAL B 102 0.64 -10.41 9.07
N ALA B 103 1.65 -11.14 8.62
CA ALA B 103 2.23 -10.86 7.31
C ALA B 103 1.15 -10.80 6.22
N THR B 104 0.14 -11.64 6.36
CA THR B 104 -0.87 -11.79 5.33
C THR B 104 -1.93 -10.69 5.52
N ALA B 105 -2.14 -10.31 6.76
CA ALA B 105 -3.12 -9.27 7.08
C ALA B 105 -2.64 -7.91 6.53
N GLU B 106 -1.33 -7.66 6.69
CA GLU B 106 -0.62 -6.53 6.11
C GLU B 106 -0.80 -6.46 4.61
N ILE B 107 -0.59 -7.58 3.93
CA ILE B 107 -0.74 -7.65 2.47
C ILE B 107 -2.19 -7.47 2.04
N ALA B 108 -3.13 -7.79 2.91
CA ALA B 108 -4.53 -7.62 2.57
C ALA B 108 -4.91 -6.14 2.73
N MET B 109 -4.37 -5.49 3.77
CA MET B 109 -4.54 -4.06 3.99
C MET B 109 -3.84 -3.20 2.93
N LEU B 110 -2.67 -3.64 2.48
CA LEU B 110 -1.93 -2.95 1.43
C LEU B 110 -2.71 -2.93 0.12
N LEU B 111 -3.41 -4.02 -0.17
CA LEU B 111 -4.15 -4.12 -1.41
C LEU B 111 -5.45 -3.33 -1.34
N LEU B 112 -5.99 -3.15 -0.14
CA LEU B 112 -7.20 -2.37 0.03
C LEU B 112 -6.85 -0.89 -0.17
N LEU B 113 -5.70 -0.51 0.38
CA LEU B 113 -5.20 0.85 0.39
C LEU B 113 -4.68 1.21 -0.99
N GLY B 114 -3.77 0.42 -1.52
CA GLY B 114 -3.24 0.67 -2.85
C GLY B 114 -4.29 0.58 -3.93
N SER B 115 -5.42 -0.05 -3.64
CA SER B 115 -6.51 -0.06 -4.59
C SER B 115 -7.31 1.24 -4.54
N ALA B 116 -7.76 1.64 -3.35
CA ALA B 116 -8.50 2.87 -3.18
C ALA B 116 -7.73 4.06 -3.77
N ARG B 117 -6.40 3.98 -3.68
CA ARG B 117 -5.48 5.08 -3.97
C ARG B 117 -4.72 4.92 -5.26
N ARG B 118 -5.05 3.85 -5.98
CA ARG B 118 -4.54 3.61 -7.33
C ARG B 118 -3.02 3.59 -7.44
N ALA B 119 -2.40 2.84 -6.53
CA ALA B 119 -0.96 2.83 -6.33
C ALA B 119 -0.20 2.17 -7.46
N GLY B 120 -0.81 1.21 -8.14
CA GLY B 120 -0.14 0.59 -9.27
C GLY B 120 0.00 1.58 -10.42
N GLU B 121 -1.02 2.44 -10.58
CA GLU B 121 -1.07 3.40 -11.68
C GLU B 121 -0.08 4.50 -11.44
N GLY B 122 0.10 4.87 -10.17
CA GLY B 122 1.10 5.86 -9.80
C GLY B 122 2.48 5.41 -10.18
N GLU B 123 2.84 4.21 -9.72
CA GLU B 123 4.14 3.64 -9.99
C GLU B 123 4.38 3.53 -11.48
N LYS B 124 3.34 3.17 -12.23
CA LYS B 124 3.50 3.07 -13.68
C LYS B 124 3.74 4.45 -14.33
N MET B 125 3.02 5.47 -13.87
CA MET B 125 3.20 6.82 -14.38
C MET B 125 4.62 7.32 -14.15
N ILE B 126 5.16 7.14 -12.94
CA ILE B 126 6.52 7.54 -12.70
C ILE B 126 7.47 6.78 -13.62
N ARG B 127 7.42 5.44 -13.55
CA ARG B 127 8.49 4.62 -14.13
C ARG B 127 8.57 4.76 -15.64
N THR B 128 7.43 5.04 -16.25
CA THR B 128 7.35 5.25 -17.69
C THR B 128 7.68 6.68 -18.10
N ARG B 129 7.86 7.56 -17.10
CA ARG B 129 8.17 8.96 -17.33
C ARG B 129 7.01 9.66 -18.01
N SER B 130 5.80 9.19 -17.71
CA SER B 130 4.59 9.76 -18.26
C SER B 130 3.97 10.83 -17.34
N TRP B 131 4.73 11.36 -16.38
CA TRP B 131 4.14 12.31 -15.42
C TRP B 131 4.24 13.77 -15.89
N PRO B 132 3.09 14.41 -16.15
CA PRO B 132 3.04 15.80 -16.61
C PRO B 132 3.05 16.82 -15.47
N GLY B 133 3.00 16.34 -14.23
CA GLY B 133 2.96 17.22 -13.08
C GLY B 133 1.57 17.14 -12.51
N TRP B 134 1.41 17.73 -11.34
CA TRP B 134 0.18 17.69 -10.59
C TRP B 134 -0.94 18.36 -11.36
N GLU B 135 -2.13 17.78 -11.26
CA GLU B 135 -3.35 18.36 -11.82
C GLU B 135 -4.52 17.84 -11.01
N PRO B 136 -5.61 18.62 -10.92
CA PRO B 136 -6.66 18.27 -9.95
C PRO B 136 -7.33 16.90 -10.15
N LEU B 137 -7.23 16.32 -11.33
CA LEU B 137 -7.89 15.04 -11.56
C LEU B 137 -6.92 13.93 -11.91
N GLU B 138 -5.68 14.07 -11.47
CA GLU B 138 -4.65 13.10 -11.75
C GLU B 138 -4.81 11.95 -10.77
N LEU B 139 -5.21 10.78 -11.28
CA LEU B 139 -5.14 9.52 -10.54
C LEU B 139 -5.89 9.61 -9.22
N VAL B 140 -7.09 10.13 -9.26
CA VAL B 140 -7.86 10.38 -8.05
C VAL B 140 -8.60 9.12 -7.62
N GLY B 141 -8.46 8.71 -6.36
CA GLY B 141 -9.18 7.55 -5.88
C GLY B 141 -10.13 7.88 -4.76
N GLU B 142 -10.04 7.15 -3.66
CA GLU B 142 -10.94 7.45 -2.56
C GLU B 142 -10.32 7.10 -1.23
N LYS B 143 -10.79 7.79 -0.20
CA LYS B 143 -10.30 7.61 1.16
C LYS B 143 -10.96 6.33 1.69
N LEU B 144 -10.39 5.74 2.74
CA LEU B 144 -10.94 4.54 3.34
C LEU B 144 -11.78 4.87 4.55
N ASP B 145 -11.49 5.99 5.18
CA ASP B 145 -12.18 6.38 6.40
C ASP B 145 -13.69 6.41 6.22
N ASN B 146 -14.41 5.89 7.21
CA ASN B 146 -15.86 5.76 7.19
C ASN B 146 -16.41 5.06 5.95
N LYS B 147 -15.58 4.28 5.27
CA LYS B 147 -16.06 3.29 4.30
C LYS B 147 -16.30 1.93 5.01
N THR B 148 -17.20 1.08 4.48
CA THR B 148 -17.44 -0.23 5.10
C THR B 148 -16.61 -1.34 4.46
N LEU B 149 -15.91 -2.11 5.30
CA LEU B 149 -15.14 -3.27 4.85
C LEU B 149 -15.94 -4.54 5.19
N GLY B 150 -16.22 -5.35 4.17
CA GLY B 150 -16.76 -6.67 4.43
C GLY B 150 -15.71 -7.76 4.38
N ILE B 151 -15.55 -8.49 5.48
CA ILE B 151 -14.57 -9.58 5.56
C ILE B 151 -15.30 -10.91 5.52
N TYR B 152 -14.96 -11.71 4.51
CA TYR B 152 -15.49 -13.06 4.39
C TYR B 152 -14.47 -13.98 5.01
N GLY B 153 -14.78 -14.42 6.23
CA GLY B 153 -13.86 -15.24 6.98
C GLY B 153 -13.19 -14.48 8.09
N PHE B 154 -13.73 -14.58 9.30
CA PHE B 154 -13.21 -13.86 10.44
C PHE B 154 -12.33 -14.71 11.36
N GLY B 155 -11.37 -15.41 10.77
CA GLY B 155 -10.40 -16.16 11.55
C GLY B 155 -9.33 -15.28 12.16
N SER B 156 -8.10 -15.80 12.25
CA SER B 156 -6.96 -15.06 12.79
C SER B 156 -6.53 -13.89 11.88
N ILE B 157 -6.32 -14.20 10.60
CA ILE B 157 -6.02 -13.23 9.56
C ILE B 157 -7.13 -12.21 9.35
N GLY B 158 -8.37 -12.66 9.30
CA GLY B 158 -9.50 -11.75 9.21
C GLY B 158 -9.53 -10.68 10.32
N GLN B 159 -9.05 -11.04 11.51
CA GLN B 159 -9.15 -10.14 12.66
C GLN B 159 -7.92 -9.25 12.84
N ALA B 160 -6.77 -9.72 12.39
CA ALA B 160 -5.59 -8.88 12.29
C ALA B 160 -5.84 -7.83 11.22
N LEU B 161 -6.74 -8.14 10.28
CA LEU B 161 -7.10 -7.21 9.21
C LEU B 161 -8.06 -6.15 9.72
N ALA B 162 -9.10 -6.57 10.45
CA ALA B 162 -10.03 -5.64 11.07
C ALA B 162 -9.33 -4.67 12.00
N LYS B 163 -8.35 -5.17 12.73
CA LYS B 163 -7.52 -4.31 13.55
C LYS B 163 -6.88 -3.20 12.69
N ARG B 164 -6.25 -3.61 11.60
CA ARG B 164 -5.49 -2.71 10.75
C ARG B 164 -6.38 -1.75 9.97
N ALA B 165 -7.61 -2.18 9.70
CA ALA B 165 -8.60 -1.38 9.01
C ALA B 165 -9.29 -0.35 9.91
N GLN B 166 -9.57 -0.69 11.16
CA GLN B 166 -10.20 0.27 12.08
C GLN B 166 -9.25 1.45 12.41
N GLY B 167 -7.97 1.28 12.11
CA GLY B 167 -7.02 2.38 12.19
C GLY B 167 -7.21 3.38 11.07
N PHE B 168 -7.68 2.91 9.92
CA PHE B 168 -8.07 3.80 8.83
C PHE B 168 -9.51 4.25 8.94
N ASP B 169 -10.13 3.92 10.08
CA ASP B 169 -11.52 4.32 10.35
C ASP B 169 -12.58 3.66 9.51
N MET B 170 -12.27 2.51 8.93
CA MET B 170 -13.28 1.71 8.24
C MET B 170 -14.31 1.11 9.22
N ASP B 171 -15.52 0.84 8.72
CA ASP B 171 -16.50 0.04 9.46
C ASP B 171 -16.49 -1.42 9.03
N ILE B 172 -16.07 -2.31 9.94
CA ILE B 172 -15.93 -3.73 9.63
C ILE B 172 -17.26 -4.43 9.85
N ASP B 173 -17.82 -4.93 8.76
CA ASP B 173 -18.93 -5.84 8.80
C ASP B 173 -18.34 -7.19 8.31
N TYR B 174 -18.85 -8.31 8.81
CA TYR B 174 -18.31 -9.63 8.45
C TYR B 174 -19.35 -10.78 8.38
N PHE B 175 -18.96 -11.84 7.67
CA PHE B 175 -19.67 -13.10 7.71
C PHE B 175 -18.65 -14.19 7.98
N ASP B 176 -18.94 -15.00 9.00
CA ASP B 176 -18.29 -16.29 9.16
C ASP B 176 -19.32 -17.34 9.53
N THR B 177 -19.03 -18.60 9.22
CA THR B 177 -19.94 -19.69 9.56
C THR B 177 -20.21 -19.81 11.07
N HIS B 178 -19.15 -19.81 11.87
CA HIS B 178 -19.32 -19.76 13.32
C HIS B 178 -19.10 -18.27 13.73
N ARG B 179 -20.20 -17.59 14.07
CA ARG B 179 -20.11 -16.24 14.63
C ARG B 179 -19.07 -16.11 15.73
N ALA B 180 -18.31 -15.02 15.72
CA ALA B 180 -17.22 -14.80 16.67
C ALA B 180 -17.68 -14.41 18.07
N SER B 181 -16.81 -14.63 19.04
CA SER B 181 -17.15 -14.46 20.44
C SER B 181 -17.50 -13.00 20.68
N SER B 182 -18.33 -12.73 21.69
CA SER B 182 -18.78 -11.36 21.94
C SER B 182 -17.63 -10.36 22.11
N SER B 183 -16.49 -10.84 22.59
CA SER B 183 -15.32 -10.01 22.90
C SER B 183 -14.51 -9.67 21.64
N ASP B 184 -14.48 -10.58 20.66
CA ASP B 184 -13.84 -10.29 19.39
C ASP B 184 -14.57 -9.15 18.77
N GLU B 185 -15.87 -9.31 18.65
CA GLU B 185 -16.67 -8.32 17.97
C GLU B 185 -16.48 -6.92 18.55
N ALA B 186 -16.38 -6.82 19.87
CA ALA B 186 -16.17 -5.53 20.51
C ALA B 186 -14.77 -4.95 20.25
N SER B 187 -13.76 -5.81 20.31
CA SER B 187 -12.40 -5.47 19.93
C SER B 187 -12.45 -4.55 18.69
N TYR B 188 -13.29 -4.89 17.71
CA TYR B 188 -13.20 -4.32 16.37
C TYR B 188 -14.46 -3.62 15.93
N GLN B 189 -15.39 -3.44 16.86
CA GLN B 189 -16.76 -3.06 16.53
C GLN B 189 -17.27 -3.72 15.24
N ALA B 190 -16.98 -5.01 15.07
CA ALA B 190 -17.42 -5.69 13.86
C ALA B 190 -18.91 -5.89 13.94
N THR B 191 -19.55 -5.99 12.79
CA THR B 191 -20.98 -6.24 12.70
C THR B 191 -21.18 -7.56 11.98
N PHE B 192 -21.82 -8.51 12.66
CA PHE B 192 -22.05 -9.87 12.13
C PHE B 192 -23.17 -9.87 11.12
N HIS B 193 -22.98 -10.59 10.02
CA HIS B 193 -24.02 -10.83 9.02
C HIS B 193 -24.31 -12.33 9.00
N ASP B 194 -25.57 -12.69 9.08
CA ASP B 194 -25.89 -14.10 9.18
C ASP B 194 -25.84 -14.79 7.83
N SER B 195 -25.57 -14.03 6.79
CA SER B 195 -25.38 -14.64 5.49
C SER B 195 -24.31 -13.87 4.73
N LEU B 196 -23.71 -14.51 3.73
CA LEU B 196 -22.76 -13.83 2.90
C LEU B 196 -23.41 -12.75 2.05
N ASP B 197 -24.68 -12.97 1.72
CA ASP B 197 -25.42 -12.05 0.86
C ASP B 197 -25.67 -10.73 1.56
N SER B 198 -26.16 -10.79 2.79
CA SER B 198 -26.43 -9.55 3.52
C SER B 198 -25.11 -8.83 3.82
N LEU B 199 -24.00 -9.58 3.76
CA LEU B 199 -22.69 -8.97 3.84
C LEU B 199 -22.32 -8.30 2.52
N LEU B 200 -22.48 -9.02 1.42
CA LEU B 200 -22.06 -8.54 0.13
C LEU B 200 -22.74 -7.23 -0.17
N SER B 201 -23.95 -7.08 0.35
CA SER B 201 -24.76 -5.91 0.04
C SER B 201 -24.21 -4.61 0.60
N VAL B 202 -23.52 -4.67 1.74
CA VAL B 202 -23.00 -3.46 2.35
C VAL B 202 -21.51 -3.23 2.01
N SER B 203 -20.93 -4.04 1.14
CA SER B 203 -19.49 -4.06 1.06
C SER B 203 -18.90 -3.23 -0.06
N GLN B 204 -18.64 -1.95 0.23
CA GLN B 204 -17.91 -1.07 -0.68
C GLN B 204 -16.51 -1.60 -0.91
N PHE B 205 -15.86 -2.07 0.15
CA PHE B 205 -14.66 -2.89 0.02
C PHE B 205 -14.95 -4.31 0.52
N PHE B 206 -14.41 -5.30 -0.17
CA PHE B 206 -14.69 -6.71 0.13
C PHE B 206 -13.40 -7.54 0.15
N SER B 207 -13.19 -8.26 1.25
CA SER B 207 -11.98 -9.07 1.44
C SER B 207 -12.36 -10.56 1.59
N LEU B 208 -11.84 -11.40 0.67
CA LEU B 208 -12.01 -12.85 0.72
C LEU B 208 -10.94 -13.38 1.61
N ASN B 209 -11.31 -13.83 2.80
CA ASN B 209 -10.41 -14.59 3.66
C ASN B 209 -10.98 -15.98 3.93
N ALA B 210 -11.94 -16.39 3.10
CA ALA B 210 -12.56 -17.70 3.19
C ALA B 210 -11.56 -18.82 2.88
N PRO B 211 -11.83 -20.04 3.41
CA PRO B 211 -11.07 -21.26 3.07
C PRO B 211 -11.52 -21.89 1.74
N SER B 212 -10.58 -22.50 1.03
CA SER B 212 -10.91 -23.15 -0.22
C SER B 212 -11.53 -24.52 0.02
N THR B 213 -12.75 -24.66 -0.48
CA THR B 213 -13.64 -25.74 -0.11
C THR B 213 -14.57 -25.96 -1.30
N PRO B 214 -14.97 -27.22 -1.55
CA PRO B 214 -15.97 -27.56 -2.54
C PRO B 214 -17.13 -26.56 -2.73
N GLU B 215 -17.67 -26.06 -1.62
CA GLU B 215 -18.79 -25.13 -1.69
C GLU B 215 -18.36 -23.67 -1.92
N THR B 216 -17.14 -23.33 -1.49
CA THR B 216 -16.63 -21.97 -1.69
C THR B 216 -15.86 -21.85 -2.99
N ARG B 217 -15.42 -22.98 -3.54
CA ARG B 217 -14.62 -22.94 -4.75
C ARG B 217 -15.39 -22.22 -5.86
N TYR B 218 -14.75 -21.19 -6.40
CA TYR B 218 -15.28 -20.39 -7.50
C TYR B 218 -16.57 -19.68 -7.13
N PHE B 219 -16.71 -19.39 -5.83
CA PHE B 219 -17.89 -18.71 -5.31
C PHE B 219 -18.00 -17.26 -5.80
N PHE B 220 -16.87 -16.61 -6.02
CA PHE B 220 -16.87 -15.23 -6.45
C PHE B 220 -17.03 -15.13 -7.96
N ASN B 221 -18.27 -14.91 -8.36
CA ASN B 221 -18.63 -14.89 -9.78
C ASN B 221 -19.71 -13.84 -10.00
N LYS B 222 -20.26 -13.80 -11.21
CA LYS B 222 -21.09 -12.70 -11.67
C LYS B 222 -22.28 -12.44 -10.75
N ALA B 223 -22.88 -13.51 -10.24
CA ALA B 223 -24.08 -13.40 -9.41
C ALA B 223 -23.77 -12.83 -8.03
N THR B 224 -22.58 -13.14 -7.52
CA THR B 224 -22.07 -12.57 -6.28
C THR B 224 -21.70 -11.09 -6.50
N ILE B 225 -20.97 -10.84 -7.58
CA ILE B 225 -20.50 -9.50 -7.93
C ILE B 225 -21.69 -8.54 -7.99
N LYS B 226 -22.74 -8.91 -8.70
CA LYS B 226 -23.92 -8.06 -8.83
C LYS B 226 -24.58 -7.76 -7.51
N SER B 227 -24.29 -8.56 -6.49
CA SER B 227 -24.88 -8.38 -5.17
C SER B 227 -24.17 -7.28 -4.38
N LEU B 228 -22.94 -6.96 -4.78
CA LEU B 228 -22.14 -5.86 -4.20
C LEU B 228 -22.65 -4.49 -4.65
N PRO B 229 -22.39 -3.42 -3.86
CA PRO B 229 -22.55 -2.03 -4.32
C PRO B 229 -21.88 -1.75 -5.66
N GLN B 230 -22.32 -0.68 -6.31
CA GLN B 230 -21.69 -0.23 -7.56
C GLN B 230 -20.26 0.26 -7.31
N GLY B 231 -19.33 -0.26 -8.10
CA GLY B 231 -17.94 0.15 -7.96
C GLY B 231 -17.31 -0.22 -6.64
N ALA B 232 -17.70 -1.35 -6.05
CA ALA B 232 -17.05 -1.81 -4.84
C ALA B 232 -15.65 -2.25 -5.22
N ILE B 233 -14.79 -2.44 -4.23
CA ILE B 233 -13.46 -2.94 -4.48
C ILE B 233 -13.29 -4.25 -3.73
N VAL B 234 -12.68 -5.22 -4.39
CA VAL B 234 -12.57 -6.58 -3.89
C VAL B 234 -11.10 -6.98 -3.83
N VAL B 235 -10.65 -7.50 -2.69
CA VAL B 235 -9.31 -8.08 -2.59
C VAL B 235 -9.35 -9.53 -2.19
N ASN B 236 -8.42 -10.30 -2.70
CA ASN B 236 -8.31 -11.70 -2.36
C ASN B 236 -6.88 -12.10 -2.08
N THR B 237 -6.63 -12.47 -0.82
CA THR B 237 -5.36 -13.03 -0.41
C THR B 237 -5.43 -14.51 -0.01
N ALA B 238 -6.62 -15.12 -0.08
CA ALA B 238 -6.84 -16.51 0.40
C ALA B 238 -6.39 -17.52 -0.65
N ARG B 239 -7.26 -17.85 -1.58
CA ARG B 239 -6.87 -18.75 -2.65
C ARG B 239 -7.51 -18.35 -3.96
N GLY B 240 -6.77 -18.56 -5.05
CA GLY B 240 -7.19 -18.07 -6.35
C GLY B 240 -8.42 -18.72 -6.93
N ASP B 241 -8.68 -19.95 -6.51
CA ASP B 241 -9.81 -20.71 -7.05
C ASP B 241 -11.10 -20.34 -6.36
N LEU B 242 -11.05 -19.36 -5.47
CA LEU B 242 -12.26 -18.81 -4.84
C LEU B 242 -12.92 -17.76 -5.74
N VAL B 243 -12.20 -17.36 -6.78
CA VAL B 243 -12.62 -16.29 -7.64
C VAL B 243 -12.73 -16.81 -9.07
N ASP B 244 -13.89 -16.57 -9.67
CA ASP B 244 -14.14 -16.91 -11.06
C ASP B 244 -13.52 -15.84 -11.96
N ASN B 245 -12.35 -16.13 -12.51
CA ASN B 245 -11.53 -15.13 -13.19
C ASN B 245 -12.24 -14.41 -14.33
N GLU B 246 -12.99 -15.16 -15.12
CA GLU B 246 -13.71 -14.61 -16.27
C GLU B 246 -14.65 -13.48 -15.87
N LEU B 247 -15.36 -13.67 -14.77
CA LEU B 247 -16.43 -12.75 -14.37
C LEU B 247 -15.93 -11.52 -13.60
N VAL B 248 -14.69 -11.60 -13.10
CA VAL B 248 -14.03 -10.45 -12.49
C VAL B 248 -13.36 -9.56 -13.54
N VAL B 249 -12.73 -10.16 -14.55
CA VAL B 249 -12.18 -9.39 -15.65
C VAL B 249 -13.30 -8.60 -16.37
N ALA B 250 -14.46 -9.23 -16.53
CA ALA B 250 -15.60 -8.56 -17.15
C ALA B 250 -16.12 -7.39 -16.32
N ALA B 251 -16.42 -7.64 -15.05
CA ALA B 251 -16.99 -6.63 -14.18
C ALA B 251 -16.04 -5.47 -13.90
N LEU B 252 -14.73 -5.75 -13.86
CA LEU B 252 -13.73 -4.67 -13.74
C LEU B 252 -13.74 -3.80 -14.98
N GLU B 253 -13.85 -4.42 -16.15
CA GLU B 253 -13.92 -3.70 -17.41
C GLU B 253 -15.23 -2.94 -17.62
N ALA B 254 -16.33 -3.44 -17.06
CA ALA B 254 -17.58 -2.72 -17.08
C ALA B 254 -17.51 -1.49 -16.15
N GLY B 255 -16.68 -1.57 -15.12
CA GLY B 255 -16.74 -0.60 -14.04
C GLY B 255 -17.73 -1.02 -12.96
N ARG B 256 -18.27 -2.23 -13.08
CA ARG B 256 -19.23 -2.78 -12.11
C ARG B 256 -18.53 -3.01 -10.78
N LEU B 257 -17.27 -3.41 -10.87
CA LEU B 257 -16.32 -3.36 -9.76
C LEU B 257 -15.33 -2.26 -10.13
N ALA B 258 -14.95 -1.44 -9.14
CA ALA B 258 -14.01 -0.36 -9.38
C ALA B 258 -12.58 -0.86 -9.56
N TYR B 259 -12.16 -1.71 -8.65
CA TYR B 259 -10.78 -2.15 -8.56
C TYR B 259 -10.77 -3.56 -8.00
N ALA B 260 -9.69 -4.29 -8.26
CA ALA B 260 -9.44 -5.55 -7.57
C ALA B 260 -7.99 -5.58 -7.18
N GLY B 261 -7.72 -5.90 -5.92
CA GLY B 261 -6.35 -6.14 -5.48
C GLY B 261 -6.16 -7.58 -5.07
N PHE B 262 -5.37 -8.31 -5.82
CA PHE B 262 -5.30 -9.74 -5.68
C PHE B 262 -3.87 -10.12 -5.38
N ASP B 263 -3.68 -11.09 -4.47
CA ASP B 263 -2.36 -11.66 -4.19
C ASP B 263 -2.16 -13.06 -4.80
N VAL B 264 -3.27 -13.71 -5.11
CA VAL B 264 -3.32 -15.12 -5.44
C VAL B 264 -4.20 -15.27 -6.68
N PHE B 265 -3.84 -16.20 -7.55
CA PHE B 265 -4.55 -16.38 -8.81
C PHE B 265 -4.79 -17.85 -9.11
N ALA B 266 -5.99 -18.16 -9.60
CA ALA B 266 -6.26 -19.42 -10.27
C ALA B 266 -5.17 -19.63 -11.28
N GLY B 267 -4.33 -20.62 -11.04
CA GLY B 267 -3.39 -21.05 -12.05
C GLY B 267 -2.02 -20.45 -11.88
N GLU B 268 -1.80 -19.69 -10.81
CA GLU B 268 -0.55 -18.98 -10.65
C GLU B 268 0.62 -19.94 -10.74
N PRO B 269 1.75 -19.49 -11.28
CA PRO B 269 1.98 -18.17 -11.85
C PRO B 269 1.37 -17.99 -13.23
N ASN B 270 0.65 -18.97 -13.73
CA ASN B 270 0.03 -18.84 -15.07
C ASN B 270 -1.38 -18.22 -14.98
N ILE B 271 -1.42 -16.96 -14.52
CA ILE B 271 -2.68 -16.32 -14.20
C ILE B 271 -3.39 -15.94 -15.47
N ASN B 272 -4.66 -15.63 -15.34
CA ASN B 272 -5.47 -15.24 -16.49
C ASN B 272 -4.79 -14.09 -17.23
N GLU B 273 -4.65 -14.24 -18.53
CA GLU B 273 -3.95 -13.27 -19.35
C GLU B 273 -4.60 -11.88 -19.32
N GLY B 274 -5.90 -11.83 -19.08
CA GLY B 274 -6.61 -10.56 -19.06
C GLY B 274 -6.46 -9.73 -17.81
N TYR B 275 -5.49 -10.07 -16.97
CA TYR B 275 -5.21 -9.27 -15.78
C TYR B 275 -4.10 -8.29 -16.09
N TYR B 276 -3.10 -8.78 -16.83
CA TYR B 276 -1.88 -7.99 -17.05
C TYR B 276 -2.14 -6.55 -17.51
N ASP B 277 -3.18 -6.36 -18.31
CA ASP B 277 -3.44 -5.09 -18.99
C ASP B 277 -4.42 -4.20 -18.23
N LEU B 278 -5.20 -4.79 -17.32
CA LEU B 278 -6.20 -4.06 -16.55
C LEU B 278 -5.56 -2.98 -15.66
N PRO B 279 -5.98 -1.71 -15.85
CA PRO B 279 -5.32 -0.67 -15.05
C PRO B 279 -5.96 -0.55 -13.67
N ASN B 280 -7.23 -0.91 -13.56
CA ASN B 280 -7.87 -0.94 -12.26
C ASN B 280 -7.67 -2.27 -11.52
N THR B 281 -6.41 -2.70 -11.44
CA THR B 281 -6.02 -3.81 -10.61
C THR B 281 -4.72 -3.44 -9.92
N PHE B 282 -4.59 -3.85 -8.65
CA PHE B 282 -3.31 -3.83 -7.94
C PHE B 282 -3.00 -5.32 -7.65
N LEU B 283 -1.87 -5.82 -8.16
CA LEU B 283 -1.61 -7.28 -8.25
C LEU B 283 -0.23 -7.63 -7.73
N PHE B 284 -0.14 -8.65 -6.88
CA PHE B 284 1.14 -9.06 -6.32
C PHE B 284 1.44 -10.50 -6.71
N PRO B 285 2.74 -10.85 -6.83
CA PRO B 285 3.21 -12.22 -7.04
C PRO B 285 3.16 -13.12 -5.78
N HIS B 286 1.99 -13.20 -5.15
CA HIS B 286 1.80 -13.99 -3.95
C HIS B 286 2.84 -13.72 -2.87
N ILE B 287 2.74 -12.59 -2.19
CA ILE B 287 3.72 -12.26 -1.18
C ILE B 287 3.03 -11.94 0.13
N GLY B 288 1.91 -12.63 0.30
CA GLY B 288 1.15 -12.57 1.53
C GLY B 288 1.96 -12.91 2.75
N SER B 289 2.90 -13.84 2.61
CA SER B 289 3.72 -14.22 3.75
C SER B 289 5.20 -13.94 3.44
N ALA B 290 5.47 -12.93 2.61
CA ALA B 290 6.85 -12.66 2.19
C ALA B 290 7.53 -11.64 3.08
N ALA B 291 7.46 -11.83 4.39
CA ALA B 291 8.20 -10.98 5.31
C ALA B 291 9.25 -11.86 5.97
N THR B 292 10.49 -11.38 6.12
CA THR B 292 11.57 -12.25 6.59
C THR B 292 11.28 -12.87 7.96
N GLN B 293 10.39 -12.24 8.73
CA GLN B 293 10.05 -12.68 10.08
C GLN B 293 9.19 -13.92 9.99
N ALA B 294 8.29 -13.94 9.01
CA ALA B 294 7.41 -15.09 8.77
C ALA B 294 8.21 -16.21 8.14
N ARG B 295 8.93 -15.89 7.06
CA ARG B 295 9.70 -16.88 6.31
C ARG B 295 10.70 -17.63 7.18
N GLU B 296 11.12 -17.01 8.27
CA GLU B 296 12.06 -17.66 9.16
C GLU B 296 11.43 -18.40 10.31
N ASP B 297 10.28 -17.96 10.77
CA ASP B 297 9.50 -18.76 11.70
C ASP B 297 9.18 -20.08 11.03
N MET B 298 8.87 -20.00 9.74
CA MET B 298 8.45 -21.14 8.95
C MET B 298 9.51 -22.20 8.78
N ALA B 299 10.76 -21.80 8.71
CA ALA B 299 11.79 -22.78 8.49
C ALA B 299 12.34 -23.33 9.77
N HIS B 300 12.06 -22.63 10.86
CA HIS B 300 12.42 -23.10 12.18
C HIS B 300 11.42 -24.18 12.58
N GLN B 301 10.14 -23.91 12.33
CA GLN B 301 9.09 -24.92 12.45
C GLN B 301 9.31 -26.17 11.59
N ALA B 302 9.67 -25.97 10.33
CA ALA B 302 10.03 -27.09 9.46
C ALA B 302 11.25 -27.88 9.98
N ASN B 303 12.20 -27.19 10.61
CA ASN B 303 13.36 -27.85 11.22
C ASN B 303 12.94 -28.55 12.52
N ASP B 304 11.98 -27.98 13.23
CA ASP B 304 11.42 -28.60 14.43
C ASP B 304 10.98 -30.04 14.22
N LEU B 305 10.32 -30.27 13.08
CA LEU B 305 9.72 -31.56 12.76
C LEU B 305 10.78 -32.61 12.55
N ILE B 306 11.90 -32.20 12.00
CA ILE B 306 13.03 -33.07 11.77
C ILE B 306 13.83 -33.37 13.05
N ASP B 307 14.05 -32.35 13.87
CA ASP B 307 14.54 -32.56 15.24
C ASP B 307 13.72 -33.60 16.02
N ALA B 308 12.39 -33.49 15.98
CA ALA B 308 11.53 -34.46 16.65
C ALA B 308 11.65 -35.87 16.10
N LEU B 309 11.63 -36.06 14.77
CA LEU B 309 11.82 -37.39 14.17
C LEU B 309 13.14 -38.02 14.62
N PHE B 310 14.24 -37.29 14.52
CA PHE B 310 15.50 -37.84 15.00
C PHE B 310 15.60 -37.88 16.52
N GLY B 311 14.58 -37.39 17.20
CA GLY B 311 14.63 -37.40 18.65
C GLY B 311 13.80 -38.56 19.19
N GLY B 312 12.99 -39.14 18.33
CA GLY B 312 12.09 -40.20 18.77
C GLY B 312 10.76 -39.64 19.22
N ALA B 313 10.61 -38.32 19.22
CA ALA B 313 9.36 -37.70 19.64
C ALA B 313 8.51 -37.41 18.42
N ASP B 314 7.23 -37.12 18.62
CA ASP B 314 6.40 -36.63 17.53
C ASP B 314 6.89 -35.27 17.03
N MET B 315 6.88 -35.10 15.71
CA MET B 315 6.90 -33.79 15.08
C MET B 315 5.86 -32.91 15.74
N SER B 316 6.22 -31.66 15.95
CA SER B 316 5.32 -30.71 16.58
C SER B 316 4.12 -30.35 15.69
N TYR B 317 4.32 -30.40 14.37
CA TYR B 317 3.25 -30.11 13.40
C TYR B 317 3.00 -31.36 12.57
N ALA B 318 2.72 -32.47 13.27
CA ALA B 318 2.48 -33.78 12.65
C ALA B 318 1.27 -33.74 11.72
N LEU B 319 1.51 -34.06 10.45
CA LEU B 319 0.43 -34.25 9.50
C LEU B 319 0.11 -35.74 9.40
N ALA B 320 1.16 -36.57 9.34
CA ALA B 320 1.03 -38.01 9.17
C ALA B 320 2.09 -38.72 10.00
S SO4 C . -8.78 18.46 7.34
O1 SO4 C . -9.25 17.55 8.29
O2 SO4 C . -8.04 17.78 6.32
O3 SO4 C . -10.00 18.96 6.82
O4 SO4 C . -7.88 19.43 7.91
S SO4 D . 0.72 -17.07 13.71
O1 SO4 D . 0.59 -16.05 14.68
O2 SO4 D . 1.82 -17.88 14.15
O3 SO4 D . -0.51 -17.82 13.65
O4 SO4 D . 1.01 -16.52 12.42
#